data_4GBJ
#
_entry.id   4GBJ
#
_cell.length_a   79.633
_cell.length_b   89.645
_cell.length_c   151.506
_cell.angle_alpha   90.00
_cell.angle_beta   90.00
_cell.angle_gamma   90.00
#
_symmetry.space_group_name_H-M   'P 21 21 21'
#
loop_
_entity.id
_entity.type
_entity.pdbx_description
1 polymer '6-phosphogluconate dehydrogenase NAD-binding'
2 non-polymer 'SODIUM ION'
3 water water
#
_entity_poly.entity_id   1
_entity_poly.type   'polypeptide(L)'
_entity_poly.pdbx_seq_one_letter_code
;SNA(MSE)SEKIAFLGLGNLGTPIAEILLEAGYELVVWNRTASKAEPLTKLGATVVENAIDAITPGGIVFSVLADDAAVE
ELFS(MSE)ELVEKLGKDGVHVS(MSE)STISPETSRQLAQVHEWYGAHYVGAPIFARPEAVRAKVGNICLSGNAGAKER
IKPIVENFVKGVFDFGDDPGAANVIKLAGNF(MSE)IACSLE(MSE)(MSE)GEAFT(MSE)AEKNGISRQSIYE(MSE)
LTSTLFAAPIFQNYGKLVASNTYEPVAFRFPLGLKDINLTLQTASDVNAP(MSE)PFADIIRNRFISGLAKGRENLDWGA
LALGASDDAGLTK
;
_entity_poly.pdbx_strand_id   A,B,C,D
#
loop_
_chem_comp.id
_chem_comp.type
_chem_comp.name
_chem_comp.formula
NA non-polymer 'SODIUM ION' 'Na 1'
#
# COMPACT_ATOMS: atom_id res chain seq x y z
N MSE A 4 -2.10 21.05 26.12
CA MSE A 4 -1.02 22.02 26.32
C MSE A 4 0.10 21.34 27.11
O MSE A 4 1.13 20.99 26.53
CB MSE A 4 -1.55 23.28 27.04
CG MSE A 4 -2.42 24.17 26.16
SE MSE A 4 -4.23 23.50 25.87
CE MSE A 4 -4.95 23.69 27.68
N SER A 5 -0.10 21.12 28.42
CA SER A 5 0.87 20.42 29.27
C SER A 5 0.69 18.92 29.09
N GLU A 6 -0.58 18.51 29.00
CA GLU A 6 -0.97 17.13 28.85
C GLU A 6 -0.72 16.61 27.42
N LYS A 7 0.31 15.76 27.22
CA LYS A 7 0.54 15.05 25.96
C LYS A 7 -0.45 13.86 25.97
N ILE A 8 -1.52 13.90 25.15
CA ILE A 8 -2.63 12.94 25.22
C ILE A 8 -2.55 11.76 24.21
N ALA A 9 -2.63 10.52 24.75
CA ALA A 9 -2.73 9.31 23.94
C ALA A 9 -4.17 9.14 23.51
N PHE A 10 -4.41 9.12 22.21
CA PHE A 10 -5.77 8.94 21.70
C PHE A 10 -5.81 7.62 20.92
N LEU A 11 -6.48 6.58 21.50
CA LEU A 11 -6.59 5.23 20.93
C LEU A 11 -7.99 4.93 20.31
N GLY A 12 -8.02 4.87 18.98
CA GLY A 12 -9.23 4.54 18.24
C GLY A 12 -9.65 5.75 17.46
N LEU A 13 -9.70 5.64 16.13
CA LEU A 13 -10.01 6.78 15.28
C LEU A 13 -11.14 6.58 14.28
N GLY A 14 -12.26 6.03 14.76
CA GLY A 14 -13.42 5.81 13.92
C GLY A 14 -14.26 7.05 13.71
N ASN A 15 -15.56 6.86 13.48
CA ASN A 15 -16.52 7.93 13.22
C ASN A 15 -16.55 9.00 14.32
N LEU A 16 -16.39 8.62 15.60
CA LEU A 16 -16.37 9.62 16.68
C LEU A 16 -14.94 10.02 17.06
N GLY A 17 -14.03 9.06 17.07
CA GLY A 17 -12.63 9.30 17.44
C GLY A 17 -11.94 10.39 16.66
N THR A 18 -12.11 10.42 15.31
CA THR A 18 -11.47 11.42 14.44
C THR A 18 -11.97 12.85 14.78
N PRO A 19 -13.28 13.17 14.72
CA PRO A 19 -13.71 14.54 15.08
C PRO A 19 -13.35 14.97 16.54
N ILE A 20 -13.27 14.02 17.50
CA ILE A 20 -12.89 14.39 18.89
C ILE A 20 -11.41 14.82 18.90
N ALA A 21 -10.54 13.97 18.31
CA ALA A 21 -9.12 14.22 18.22
C ALA A 21 -8.82 15.54 17.52
N GLU A 22 -9.62 15.88 16.48
CA GLU A 22 -9.53 17.14 15.73
C GLU A 22 -9.70 18.35 16.65
N ILE A 23 -10.80 18.37 17.43
CA ILE A 23 -11.12 19.45 18.36
C ILE A 23 -10.02 19.61 19.41
N LEU A 24 -9.44 18.50 19.89
CA LEU A 24 -8.36 18.56 20.88
C LEU A 24 -7.08 19.11 20.21
N LEU A 25 -6.81 18.72 18.95
CA LEU A 25 -5.65 19.24 18.19
C LEU A 25 -5.80 20.75 17.90
N GLU A 26 -7.01 21.19 17.57
CA GLU A 26 -7.33 22.59 17.31
C GLU A 26 -7.32 23.39 18.64
N ALA A 27 -7.72 22.77 19.77
CA ALA A 27 -7.68 23.43 21.09
C ALA A 27 -6.24 23.56 21.65
N GLY A 28 -5.24 23.01 20.97
CA GLY A 28 -3.84 23.11 21.37
C GLY A 28 -3.23 21.86 21.98
N TYR A 29 -4.02 20.82 22.29
CA TYR A 29 -3.48 19.61 22.92
C TYR A 29 -2.53 18.83 21.98
N GLU A 30 -1.48 18.25 22.59
CA GLU A 30 -0.49 17.43 21.88
C GLU A 30 -1.00 16.00 21.94
N LEU A 31 -1.22 15.36 20.78
CA LEU A 31 -1.80 14.02 20.69
C LEU A 31 -0.87 13.01 20.02
N VAL A 32 -0.80 11.79 20.59
CA VAL A 32 -0.10 10.64 20.03
C VAL A 32 -1.23 9.61 19.70
N VAL A 33 -1.70 9.59 18.43
CA VAL A 33 -2.84 8.75 18.01
C VAL A 33 -2.44 7.33 17.54
N TRP A 34 -3.45 6.43 17.53
CA TRP A 34 -3.35 5.03 17.09
C TRP A 34 -4.72 4.55 16.62
N GLU A 42 -3.83 8.97 9.61
CA GLU A 42 -2.91 9.83 8.87
C GLU A 42 -3.50 11.26 8.72
N PRO A 43 -4.83 11.46 8.52
CA PRO A 43 -5.37 12.84 8.44
C PRO A 43 -5.26 13.68 9.72
N LEU A 44 -4.85 13.11 10.88
CA LEU A 44 -4.65 13.90 12.10
C LEU A 44 -3.20 14.38 12.19
N THR A 45 -2.25 13.66 11.51
CA THR A 45 -0.85 14.10 11.39
C THR A 45 -0.80 15.47 10.71
N LYS A 46 -1.75 15.71 9.78
CA LYS A 46 -1.92 16.96 9.03
C LYS A 46 -2.22 18.15 9.96
N LEU A 47 -3.08 17.94 10.98
CA LEU A 47 -3.46 19.01 11.94
C LEU A 47 -2.49 19.15 13.13
N GLY A 48 -1.48 18.26 13.25
CA GLY A 48 -0.46 18.34 14.29
C GLY A 48 -0.25 17.14 15.20
N ALA A 49 -0.70 15.92 14.83
CA ALA A 49 -0.55 14.72 15.68
C ALA A 49 0.69 13.89 15.31
N THR A 50 1.00 12.86 16.14
CA THR A 50 2.09 11.90 15.91
C THR A 50 1.47 10.49 15.99
N VAL A 51 1.73 9.64 14.98
CA VAL A 51 1.15 8.30 14.88
C VAL A 51 2.13 7.26 15.43
N VAL A 52 1.59 6.17 15.99
CA VAL A 52 2.38 5.06 16.52
C VAL A 52 1.75 3.74 16.01
N GLU A 53 2.57 2.67 15.91
CA GLU A 53 2.12 1.37 15.38
C GLU A 53 1.52 0.52 16.46
N ASN A 54 2.17 0.42 17.63
CA ASN A 54 1.65 -0.35 18.77
C ASN A 54 1.14 0.62 19.85
N ALA A 55 -0.12 0.47 20.25
CA ALA A 55 -0.82 1.31 21.25
C ALA A 55 -0.04 1.54 22.53
N ILE A 56 0.70 0.53 23.03
CA ILE A 56 1.44 0.67 24.28
C ILE A 56 2.49 1.78 24.16
N ASP A 57 3.11 1.96 22.97
CA ASP A 57 4.08 3.04 22.73
C ASP A 57 3.45 4.43 22.79
N ALA A 58 2.12 4.55 22.64
CA ALA A 58 1.43 5.84 22.75
C ALA A 58 1.28 6.25 24.23
N ILE A 59 1.33 5.29 25.19
CA ILE A 59 1.09 5.55 26.62
C ILE A 59 2.31 6.16 27.30
N THR A 60 2.08 7.24 28.09
CA THR A 60 3.09 7.88 28.92
C THR A 60 2.78 7.54 30.38
N PRO A 61 3.72 7.00 31.17
CA PRO A 61 3.41 6.72 32.60
C PRO A 61 2.88 7.96 33.33
N GLY A 62 1.73 7.82 33.97
CA GLY A 62 1.11 8.93 34.67
C GLY A 62 0.35 9.89 33.77
N GLY A 63 0.29 9.62 32.47
CA GLY A 63 -0.39 10.49 31.50
C GLY A 63 -1.86 10.18 31.34
N ILE A 64 -2.49 10.76 30.29
CA ILE A 64 -3.88 10.61 29.96
C ILE A 64 -4.02 9.83 28.64
N VAL A 65 -4.97 8.89 28.58
CA VAL A 65 -5.28 8.12 27.39
C VAL A 65 -6.80 8.15 27.13
N PHE A 66 -7.20 8.54 25.92
CA PHE A 66 -8.58 8.48 25.49
C PHE A 66 -8.73 7.26 24.62
N SER A 67 -9.84 6.53 24.77
CA SER A 67 -10.12 5.41 23.89
C SER A 67 -11.57 5.45 23.50
N VAL A 68 -11.85 5.27 22.20
CA VAL A 68 -13.20 5.12 21.66
C VAL A 68 -13.08 4.00 20.64
N LEU A 69 -13.53 2.81 21.02
CA LEU A 69 -13.42 1.59 20.21
C LEU A 69 -14.82 0.98 19.97
N ALA A 70 -14.96 0.24 18.88
CA ALA A 70 -16.24 -0.29 18.40
C ALA A 70 -17.00 -1.22 19.36
N ASP A 71 -16.34 -1.95 20.28
CA ASP A 71 -17.05 -2.88 21.16
C ASP A 71 -16.21 -3.28 22.40
N ASP A 72 -16.82 -4.07 23.32
CA ASP A 72 -16.16 -4.52 24.56
C ASP A 72 -14.90 -5.29 24.26
N ALA A 73 -14.94 -6.20 23.25
CA ALA A 73 -13.79 -7.01 22.86
C ALA A 73 -12.59 -6.15 22.51
N ALA A 74 -12.79 -5.18 21.61
CA ALA A 74 -11.75 -4.24 21.16
C ALA A 74 -11.05 -3.49 22.34
N VAL A 75 -11.81 -3.13 23.39
CA VAL A 75 -11.29 -2.42 24.56
C VAL A 75 -10.49 -3.38 25.47
N GLU A 76 -11.02 -4.56 25.80
CA GLU A 76 -10.32 -5.49 26.69
C GLU A 76 -9.03 -6.03 26.07
N GLU A 77 -9.03 -6.23 24.74
CA GLU A 77 -7.87 -6.71 24.01
C GLU A 77 -6.76 -5.67 24.00
N LEU A 78 -7.12 -4.38 23.91
CA LEU A 78 -6.15 -3.30 23.85
C LEU A 78 -5.59 -2.98 25.25
N PHE A 79 -6.45 -2.92 26.28
CA PHE A 79 -6.06 -2.60 27.66
C PHE A 79 -5.67 -3.85 28.43
N SER A 80 -4.54 -4.40 28.01
CA SER A 80 -3.93 -5.56 28.61
C SER A 80 -3.28 -5.19 29.94
N MSE A 81 -2.83 -6.21 30.68
CA MSE A 81 -2.17 -5.98 31.97
C MSE A 81 -0.93 -5.10 31.74
O MSE A 81 -0.69 -4.17 32.51
CB MSE A 81 -1.77 -7.32 32.64
CG MSE A 81 -2.95 -8.23 33.02
SE MSE A 81 -4.12 -7.53 34.41
CE MSE A 81 -5.84 -8.42 33.85
N GLU A 82 -0.19 -5.38 30.63
CA GLU A 82 1.07 -4.69 30.26
C GLU A 82 0.87 -3.21 30.04
N LEU A 83 -0.06 -2.87 29.16
CA LEU A 83 -0.35 -1.48 28.81
C LEU A 83 -0.87 -0.69 30.03
N VAL A 84 -1.75 -1.30 30.85
CA VAL A 84 -2.32 -0.63 32.02
C VAL A 84 -1.21 -0.42 33.06
N GLU A 85 -0.29 -1.41 33.22
CA GLU A 85 0.89 -1.24 34.10
C GLU A 85 1.78 -0.08 33.61
N LYS A 86 1.91 0.09 32.28
CA LYS A 86 2.70 1.17 31.69
C LYS A 86 2.03 2.52 31.98
N LEU A 87 0.68 2.59 31.93
CA LEU A 87 -0.07 3.80 32.27
C LEU A 87 0.22 4.19 33.73
N GLY A 88 0.22 3.17 34.59
CA GLY A 88 0.68 3.23 35.98
C GLY A 88 0.16 4.29 36.95
N LYS A 89 1.03 4.65 37.90
CA LYS A 89 0.70 5.55 39.01
C LYS A 89 0.15 6.90 38.53
N ASP A 90 -1.09 7.25 38.96
CA ASP A 90 -1.75 8.52 38.61
C ASP A 90 -2.14 8.61 37.09
N GLY A 91 -1.96 7.54 36.31
CA GLY A 91 -2.38 7.53 34.92
C GLY A 91 -3.91 7.54 34.80
N VAL A 92 -4.47 8.19 33.79
CA VAL A 92 -5.95 8.29 33.64
C VAL A 92 -6.39 7.81 32.25
N HIS A 93 -7.34 6.86 32.23
CA HIS A 93 -7.91 6.33 30.99
C HIS A 93 -9.38 6.79 30.86
N VAL A 94 -9.66 7.60 29.85
CA VAL A 94 -11.03 8.08 29.58
C VAL A 94 -11.64 7.15 28.51
N SER A 95 -12.50 6.21 28.92
CA SER A 95 -13.09 5.18 28.04
C SER A 95 -14.45 5.60 27.49
N MSE A 96 -14.49 5.94 26.19
CA MSE A 96 -15.67 6.50 25.57
C MSE A 96 -16.44 5.56 24.70
O MSE A 96 -17.45 5.97 24.11
CB MSE A 96 -15.24 7.72 24.75
CG MSE A 96 -14.57 8.78 25.61
SE MSE A 96 -14.26 10.42 24.65
CE MSE A 96 -12.95 9.75 23.49
N SER A 97 -16.08 4.29 24.71
CA SER A 97 -16.80 3.28 23.94
C SER A 97 -18.15 2.96 24.59
N THR A 98 -19.12 2.56 23.79
CA THR A 98 -20.40 2.07 24.32
C THR A 98 -20.13 0.62 24.67
N ILE A 99 -19.84 0.34 25.93
CA ILE A 99 -19.57 -1.00 26.41
C ILE A 99 -20.43 -1.28 27.63
N SER A 100 -20.44 -2.53 28.09
CA SER A 100 -21.20 -2.87 29.28
C SER A 100 -20.57 -2.30 30.56
N PRO A 101 -21.40 -1.95 31.57
CA PRO A 101 -20.87 -1.57 32.89
C PRO A 101 -19.94 -2.62 33.50
N GLU A 102 -20.21 -3.88 33.25
CA GLU A 102 -19.38 -4.99 33.78
C GLU A 102 -17.98 -4.92 33.21
N THR A 103 -17.83 -4.64 31.89
CA THR A 103 -16.49 -4.51 31.28
C THR A 103 -15.76 -3.30 31.86
N SER A 104 -16.50 -2.21 32.15
CA SER A 104 -15.89 -1.01 32.72
C SER A 104 -15.40 -1.24 34.14
N ARG A 105 -16.21 -1.91 34.97
CA ARG A 105 -15.89 -2.23 36.35
C ARG A 105 -14.70 -3.22 36.46
N GLN A 106 -14.60 -4.16 35.49
CA GLN A 106 -13.52 -5.12 35.47
C GLN A 106 -12.23 -4.44 35.07
N LEU A 107 -12.28 -3.62 34.02
CA LEU A 107 -11.10 -2.86 33.61
C LEU A 107 -10.65 -1.88 34.71
N ALA A 108 -11.60 -1.26 35.39
CA ALA A 108 -11.25 -0.27 36.43
C ALA A 108 -10.44 -0.90 37.58
N GLN A 109 -10.74 -2.17 37.94
CA GLN A 109 -10.00 -2.83 39.03
C GLN A 109 -8.55 -3.10 38.61
N VAL A 110 -8.37 -3.43 37.32
CA VAL A 110 -7.07 -3.63 36.70
C VAL A 110 -6.28 -2.32 36.77
N HIS A 111 -6.94 -1.18 36.45
CA HIS A 111 -6.27 0.13 36.44
C HIS A 111 -5.77 0.49 37.86
N GLU A 112 -6.61 0.32 38.89
CA GLU A 112 -6.24 0.70 40.25
C GLU A 112 -5.25 -0.28 40.93
N TRP A 113 -5.12 -1.54 40.46
CA TRP A 113 -4.09 -2.43 40.96
C TRP A 113 -2.71 -1.83 40.69
N TYR A 114 -2.57 -1.18 39.50
CA TYR A 114 -1.32 -0.50 39.09
C TYR A 114 -1.34 1.03 39.40
N GLY A 115 -2.26 1.48 40.24
CA GLY A 115 -2.36 2.90 40.60
C GLY A 115 -2.95 3.84 39.56
N ALA A 116 -3.50 3.34 38.45
CA ALA A 116 -4.15 4.17 37.42
C ALA A 116 -5.63 4.28 37.68
N HIS A 117 -6.29 5.17 36.95
CA HIS A 117 -7.72 5.40 37.11
C HIS A 117 -8.44 5.26 35.80
N TYR A 118 -9.54 4.56 35.83
CA TYR A 118 -10.40 4.37 34.69
C TYR A 118 -11.60 5.31 34.85
N VAL A 119 -11.91 6.13 33.84
CA VAL A 119 -13.11 6.94 33.82
C VAL A 119 -14.06 6.41 32.70
N GLY A 120 -15.26 5.96 33.08
CA GLY A 120 -16.28 5.57 32.12
C GLY A 120 -16.83 6.86 31.58
N ALA A 121 -16.74 7.07 30.25
CA ALA A 121 -17.14 8.34 29.65
C ALA A 121 -17.82 8.11 28.29
N PRO A 122 -18.91 7.31 28.24
CA PRO A 122 -19.61 7.10 26.95
C PRO A 122 -20.18 8.43 26.47
N ILE A 123 -20.21 8.61 25.15
CA ILE A 123 -20.65 9.87 24.56
C ILE A 123 -22.01 9.72 23.91
N PHE A 124 -22.79 10.80 24.04
CA PHE A 124 -24.14 10.93 23.52
C PHE A 124 -24.12 11.96 22.42
N ALA A 125 -23.73 11.54 21.21
CA ALA A 125 -23.62 12.49 20.09
C ALA A 125 -23.39 11.80 18.81
N ARG A 126 -24.01 12.32 17.74
CA ARG A 126 -23.71 11.88 16.38
C ARG A 126 -22.46 12.62 15.94
N PRO A 127 -21.74 12.17 14.90
CA PRO A 127 -20.52 12.90 14.47
C PRO A 127 -20.72 14.42 14.27
N GLU A 128 -21.89 14.85 13.76
CA GLU A 128 -22.18 16.28 13.55
C GLU A 128 -22.34 17.05 14.89
N ALA A 129 -22.91 16.42 15.93
CA ALA A 129 -23.05 17.07 17.25
C ALA A 129 -21.66 17.27 17.88
N VAL A 130 -20.70 16.34 17.62
CA VAL A 130 -19.32 16.46 18.10
C VAL A 130 -18.68 17.67 17.43
N ARG A 131 -18.72 17.71 16.09
CA ARG A 131 -18.16 18.82 15.30
C ARG A 131 -18.69 20.20 15.74
N ALA A 132 -19.92 20.27 16.30
CA ALA A 132 -20.53 21.52 16.78
C ALA A 132 -20.33 21.79 18.29
N LYS A 133 -19.79 20.81 19.07
CA LYS A 133 -19.65 20.89 20.55
C LYS A 133 -21.06 21.05 21.17
N VAL A 134 -22.01 20.24 20.66
CA VAL A 134 -23.42 20.22 21.08
C VAL A 134 -23.75 18.90 21.85
N GLY A 135 -22.87 17.89 21.75
CA GLY A 135 -23.10 16.59 22.38
C GLY A 135 -23.02 16.61 23.88
N ASN A 136 -23.30 15.46 24.49
CA ASN A 136 -23.24 15.29 25.95
C ASN A 136 -22.40 14.11 26.28
N ILE A 137 -21.84 14.10 27.47
CA ILE A 137 -21.04 12.98 27.92
C ILE A 137 -21.40 12.74 29.36
N CYS A 138 -21.41 11.47 29.73
CA CYS A 138 -21.61 11.03 31.10
C CYS A 138 -20.27 10.54 31.59
N LEU A 139 -19.86 10.90 32.82
CA LEU A 139 -18.61 10.50 33.44
C LEU A 139 -18.84 9.80 34.73
N SER A 140 -18.08 8.74 34.97
CA SER A 140 -18.11 8.08 36.26
C SER A 140 -16.78 7.43 36.51
N GLY A 141 -16.43 7.29 37.77
CA GLY A 141 -15.12 6.79 38.17
C GLY A 141 -14.54 7.71 39.22
N ASN A 142 -13.26 7.57 39.44
CA ASN A 142 -12.51 8.28 40.48
C ASN A 142 -12.62 9.78 40.35
N ALA A 143 -12.95 10.46 41.47
CA ALA A 143 -13.19 11.91 41.54
C ALA A 143 -12.00 12.71 41.03
N GLY A 144 -10.79 12.37 41.48
CA GLY A 144 -9.59 13.09 41.06
C GLY A 144 -9.34 12.96 39.57
N ALA A 145 -9.48 11.76 39.04
CA ALA A 145 -9.31 11.54 37.59
C ALA A 145 -10.30 12.36 36.76
N LYS A 146 -11.56 12.48 37.19
CA LYS A 146 -12.55 13.25 36.42
C LYS A 146 -12.19 14.73 36.48
N GLU A 147 -11.64 15.20 37.65
CA GLU A 147 -11.24 16.61 37.76
C GLU A 147 -10.16 16.93 36.74
N ARG A 148 -9.24 16.01 36.55
CA ARG A 148 -8.15 16.17 35.55
C ARG A 148 -8.66 16.25 34.08
N ILE A 149 -9.59 15.42 33.71
CA ILE A 149 -10.00 15.31 32.28
C ILE A 149 -11.25 16.10 31.91
N LYS A 150 -12.07 16.59 32.88
CA LYS A 150 -13.24 17.44 32.58
C LYS A 150 -12.90 18.66 31.70
N PRO A 151 -11.82 19.44 32.01
CA PRO A 151 -11.45 20.59 31.14
C PRO A 151 -11.12 20.19 29.70
N ILE A 152 -10.59 18.97 29.53
CA ILE A 152 -10.27 18.44 28.22
C ILE A 152 -11.59 18.05 27.51
N VAL A 153 -12.55 17.34 28.20
CA VAL A 153 -13.77 16.90 27.52
C VAL A 153 -14.68 18.09 27.24
N GLU A 154 -14.69 19.14 28.08
CA GLU A 154 -15.50 20.35 27.85
C GLU A 154 -15.23 20.98 26.46
N ASN A 155 -14.04 20.79 25.88
CA ASN A 155 -13.78 21.31 24.52
C ASN A 155 -14.67 20.69 23.42
N PHE A 156 -15.13 19.43 23.55
CA PHE A 156 -15.89 18.76 22.47
C PHE A 156 -17.31 18.32 22.84
N VAL A 157 -17.82 18.75 24.00
CA VAL A 157 -19.19 18.47 24.44
C VAL A 157 -19.75 19.72 25.03
N LYS A 158 -21.07 19.80 25.09
CA LYS A 158 -21.80 20.87 25.73
C LYS A 158 -22.03 20.48 27.20
N GLY A 159 -22.78 19.40 27.44
CA GLY A 159 -23.10 18.96 28.78
C GLY A 159 -22.20 17.87 29.31
N VAL A 160 -21.75 18.02 30.56
CA VAL A 160 -20.98 17.00 31.27
C VAL A 160 -21.81 16.58 32.45
N PHE A 161 -22.16 15.29 32.54
CA PHE A 161 -22.99 14.78 33.63
C PHE A 161 -22.19 13.75 34.44
N ASP A 162 -22.01 14.06 35.74
CA ASP A 162 -21.23 13.24 36.67
C ASP A 162 -22.13 12.23 37.30
N PHE A 163 -21.81 10.93 37.19
CA PHE A 163 -22.60 9.85 37.79
C PHE A 163 -21.80 9.14 38.95
N GLY A 164 -20.89 9.87 39.58
CA GLY A 164 -20.15 9.37 40.74
C GLY A 164 -18.98 8.45 40.53
N ASP A 165 -18.69 7.67 41.60
CA ASP A 165 -17.51 6.83 41.75
C ASP A 165 -17.55 5.51 41.01
N ASP A 166 -18.73 4.98 40.79
CA ASP A 166 -18.84 3.67 40.14
C ASP A 166 -18.34 3.78 38.70
N PRO A 167 -17.25 3.08 38.31
CA PRO A 167 -16.73 3.24 36.93
C PRO A 167 -17.65 2.74 35.82
N GLY A 168 -18.67 1.95 36.10
CA GLY A 168 -19.63 1.50 35.10
C GLY A 168 -20.96 2.26 35.11
N ALA A 169 -21.17 3.19 36.06
CA ALA A 169 -22.49 3.87 36.13
C ALA A 169 -22.82 4.69 34.87
N ALA A 170 -21.86 5.41 34.31
CA ALA A 170 -22.12 6.17 33.09
C ALA A 170 -22.53 5.24 31.94
N ASN A 171 -21.95 4.05 31.88
CA ASN A 171 -22.28 3.06 30.86
C ASN A 171 -23.73 2.61 30.98
N VAL A 172 -24.27 2.56 32.22
CA VAL A 172 -25.70 2.20 32.43
C VAL A 172 -26.54 3.25 31.75
N ILE A 173 -26.17 4.54 31.94
CA ILE A 173 -26.97 5.65 31.37
C ILE A 173 -26.99 5.57 29.83
N LYS A 174 -25.83 5.28 29.26
CA LYS A 174 -25.70 5.17 27.81
C LYS A 174 -26.56 4.04 27.26
N LEU A 175 -26.49 2.88 27.85
CA LEU A 175 -27.31 1.75 27.40
C LEU A 175 -28.81 2.06 27.57
N ALA A 176 -29.19 2.70 28.65
CA ALA A 176 -30.58 3.09 28.89
C ALA A 176 -31.05 4.07 27.83
N GLY A 177 -30.18 5.02 27.44
CA GLY A 177 -30.47 5.97 26.37
C GLY A 177 -30.71 5.28 25.02
N ASN A 178 -29.81 4.35 24.65
CA ASN A 178 -29.93 3.58 23.39
C ASN A 178 -31.18 2.70 23.38
N PHE A 179 -31.52 2.16 24.55
CA PHE A 179 -32.73 1.35 24.74
C PHE A 179 -33.94 2.20 24.50
N MSE A 180 -33.96 3.43 25.05
CA MSE A 180 -35.09 4.33 24.87
C MSE A 180 -35.20 4.79 23.45
O MSE A 180 -36.32 4.87 22.95
CB MSE A 180 -35.05 5.51 25.83
CG MSE A 180 -35.41 5.06 27.20
SE MSE A 180 -35.31 6.47 28.50
CE MSE A 180 -36.63 7.64 27.77
N ILE A 181 -34.08 4.96 22.75
CA ILE A 181 -34.16 5.26 21.31
C ILE A 181 -34.81 4.08 20.52
N ALA A 182 -34.35 2.84 20.78
CA ALA A 182 -34.93 1.66 20.14
C ALA A 182 -36.41 1.54 20.44
N CYS A 183 -36.84 1.80 21.69
CA CYS A 183 -38.25 1.76 22.05
C CYS A 183 -39.05 2.80 21.28
N SER A 184 -38.47 3.97 21.04
CA SER A 184 -39.10 5.02 20.30
C SER A 184 -39.32 4.60 18.87
N LEU A 185 -38.31 3.93 18.24
CA LEU A 185 -38.47 3.41 16.90
C LEU A 185 -39.59 2.35 16.82
N GLU A 186 -39.65 1.49 17.86
CA GLU A 186 -40.64 0.43 17.89
C GLU A 186 -42.07 0.99 18.09
N MSE A 187 -42.27 1.93 19.04
CA MSE A 187 -43.60 2.50 19.23
C MSE A 187 -44.06 3.27 17.98
O MSE A 187 -45.22 3.23 17.65
CB MSE A 187 -43.71 3.39 20.47
CG MSE A 187 -42.96 4.69 20.38
SE MSE A 187 -43.20 5.61 22.05
CE MSE A 187 -42.33 6.92 21.72
N MSE A 188 -43.15 3.95 17.28
CA MSE A 188 -43.54 4.59 16.01
C MSE A 188 -43.84 3.59 14.93
O MSE A 188 -44.84 3.79 14.20
CB MSE A 188 -42.52 5.60 15.54
CG MSE A 188 -42.51 6.76 16.48
SE MSE A 188 -41.37 8.24 15.86
CE MSE A 188 -39.58 7.47 16.08
N GLY A 189 -43.11 2.49 14.87
CA GLY A 189 -43.44 1.40 13.96
C GLY A 189 -44.86 0.87 14.22
N GLU A 190 -45.17 0.59 15.48
CA GLU A 190 -46.48 0.04 15.82
C GLU A 190 -47.61 1.01 15.51
N ALA A 191 -47.50 2.25 16.02
CA ALA A 191 -48.49 3.32 15.86
C ALA A 191 -48.73 3.69 14.38
N PHE A 192 -47.63 3.92 13.64
CA PHE A 192 -47.74 4.32 12.22
C PHE A 192 -48.33 3.18 11.36
N THR A 193 -48.02 1.92 11.69
CA THR A 193 -48.59 0.74 11.01
C THR A 193 -50.10 0.63 11.34
N MSE A 194 -50.52 0.92 12.60
CA MSE A 194 -51.95 0.90 12.93
C MSE A 194 -52.69 1.96 12.13
O MSE A 194 -53.78 1.71 11.62
CB MSE A 194 -52.22 1.12 14.42
CG MSE A 194 -53.73 1.51 14.78
SE MSE A 194 -53.97 1.66 16.73
CE MSE A 194 -53.09 3.33 16.98
N ALA A 195 -52.11 3.16 12.04
CA ALA A 195 -52.70 4.25 11.29
C ALA A 195 -52.83 3.85 9.83
N GLU A 196 -51.74 3.36 9.25
CA GLU A 196 -51.63 2.92 7.87
C GLU A 196 -52.70 1.93 7.49
N LYS A 197 -52.88 0.92 8.32
CA LYS A 197 -53.90 -0.10 8.03
C LYS A 197 -55.32 0.39 8.28
N ASN A 198 -55.48 1.56 8.95
CA ASN A 198 -56.78 2.23 9.07
C ASN A 198 -56.99 3.25 7.91
N GLY A 199 -56.12 3.21 6.88
CA GLY A 199 -56.24 4.09 5.73
C GLY A 199 -55.62 5.45 5.93
N ILE A 200 -54.83 5.66 6.98
CA ILE A 200 -54.19 6.94 7.24
C ILE A 200 -52.75 6.86 6.83
N SER A 201 -52.23 7.87 6.13
CA SER A 201 -50.82 7.82 5.72
C SER A 201 -49.90 7.87 6.93
N ARG A 202 -48.79 7.17 6.84
CA ARG A 202 -47.74 7.16 7.87
C ARG A 202 -47.21 8.58 8.04
N GLN A 203 -47.08 9.30 6.91
CA GLN A 203 -46.56 10.67 6.96
C GLN A 203 -47.46 11.61 7.79
N SER A 204 -48.79 11.53 7.66
CA SER A 204 -49.69 12.47 8.35
C SER A 204 -49.67 12.25 9.88
N ILE A 205 -49.74 11.01 10.33
CA ILE A 205 -49.63 10.71 11.78
C ILE A 205 -48.27 11.11 12.30
N TYR A 206 -47.26 10.84 11.51
CA TYR A 206 -45.91 11.24 11.88
C TYR A 206 -45.81 12.76 12.08
N GLU A 207 -46.30 13.51 11.10
CA GLU A 207 -46.20 14.97 11.16
C GLU A 207 -46.94 15.52 12.35
N MSE A 208 -48.14 15.01 12.65
CA MSE A 208 -48.87 15.59 13.78
C MSE A 208 -48.18 15.28 15.12
O MSE A 208 -47.89 16.20 15.89
CB MSE A 208 -50.30 15.06 13.79
CG MSE A 208 -51.24 15.75 14.81
SE MSE A 208 -51.11 14.83 16.49
CE MSE A 208 -51.74 16.13 17.65
N LEU A 209 -47.89 14.02 15.39
CA LEU A 209 -47.36 13.63 16.70
C LEU A 209 -45.97 14.14 16.92
N THR A 210 -45.10 14.21 15.88
CA THR A 210 -43.73 14.65 16.10
C THR A 210 -43.52 16.16 16.01
N SER A 211 -44.58 16.95 15.74
CA SER A 211 -44.49 18.40 15.81
C SER A 211 -45.19 18.90 17.09
N THR A 212 -45.83 17.98 17.92
CA THR A 212 -46.56 18.42 19.14
C THR A 212 -46.08 17.65 20.38
N LEU A 213 -46.72 16.52 20.73
CA LEU A 213 -46.35 15.69 21.88
C LEU A 213 -44.89 15.18 21.83
N PHE A 214 -44.40 14.75 20.67
CA PHE A 214 -43.07 14.12 20.52
C PHE A 214 -42.16 15.01 19.70
N ALA A 215 -42.07 16.31 20.09
CA ALA A 215 -41.25 17.32 19.39
C ALA A 215 -39.85 17.43 19.97
N ALA A 216 -39.08 16.42 19.71
CA ALA A 216 -37.67 16.32 20.05
C ALA A 216 -36.97 15.70 18.84
N PRO A 217 -35.74 16.18 18.47
CA PRO A 217 -35.08 15.66 17.26
C PRO A 217 -35.10 14.13 17.11
N ILE A 218 -34.93 13.39 18.21
CA ILE A 218 -34.97 11.89 18.18
C ILE A 218 -36.26 11.39 17.45
N PHE A 219 -37.41 11.95 17.80
CA PHE A 219 -38.66 11.55 17.18
C PHE A 219 -38.82 12.09 15.77
N GLN A 220 -38.44 13.31 15.52
CA GLN A 220 -38.57 13.90 14.20
C GLN A 220 -37.60 13.30 13.17
N ASN A 221 -36.39 12.94 13.61
CA ASN A 221 -35.38 12.39 12.69
C ASN A 221 -35.60 10.90 12.43
N TYR A 222 -35.80 10.09 13.49
CA TYR A 222 -36.09 8.67 13.24
C TYR A 222 -37.54 8.45 12.74
N GLY A 223 -38.48 9.32 13.13
CA GLY A 223 -39.86 9.24 12.68
C GLY A 223 -40.02 9.39 11.19
N LYS A 224 -39.15 10.21 10.59
CA LYS A 224 -39.17 10.37 9.16
C LYS A 224 -38.79 9.04 8.50
N LEU A 225 -37.80 8.33 9.07
CA LEU A 225 -37.37 7.05 8.50
C LEU A 225 -38.44 6.00 8.63
N VAL A 226 -39.08 5.94 9.82
CA VAL A 226 -40.13 5.01 10.05
C VAL A 226 -41.36 5.35 9.17
N ALA A 227 -41.66 6.66 8.99
CA ALA A 227 -42.80 7.05 8.17
C ALA A 227 -42.64 6.59 6.72
N SER A 228 -41.45 6.69 6.14
CA SER A 228 -41.22 6.26 4.76
C SER A 228 -40.68 4.82 4.67
N ASN A 229 -40.40 4.16 5.82
CA ASN A 229 -39.76 2.84 5.87
C ASN A 229 -38.50 2.82 4.99
N THR A 230 -37.74 3.91 5.03
CA THR A 230 -36.51 4.04 4.26
C THR A 230 -35.47 4.27 5.29
N TYR A 231 -34.63 3.29 5.52
CA TYR A 231 -33.66 3.33 6.60
C TYR A 231 -32.30 3.59 6.00
N GLU A 232 -32.15 4.89 5.60
CA GLU A 232 -30.99 5.48 4.94
C GLU A 232 -30.72 6.94 5.42
N PRO A 233 -29.45 7.37 5.42
CA PRO A 233 -28.24 6.58 5.16
C PRO A 233 -27.97 5.65 6.35
N VAL A 234 -27.12 4.64 6.13
CA VAL A 234 -26.71 3.71 7.17
C VAL A 234 -25.74 4.44 8.11
N ALA A 235 -26.22 4.75 9.30
CA ALA A 235 -25.47 5.38 10.37
C ALA A 235 -24.91 4.34 11.36
N PHE A 236 -25.74 3.34 11.71
CA PHE A 236 -25.38 2.26 12.63
C PHE A 236 -25.90 0.96 11.99
N ARG A 237 -24.99 0.04 11.57
CA ARG A 237 -25.42 -1.22 10.94
C ARG A 237 -26.34 -2.02 11.82
N PHE A 238 -27.34 -2.62 11.22
CA PHE A 238 -28.37 -3.42 11.89
C PHE A 238 -27.85 -4.38 12.97
N PRO A 239 -26.82 -5.21 12.74
CA PRO A 239 -26.33 -6.11 13.80
C PRO A 239 -25.83 -5.40 15.06
N LEU A 240 -25.36 -4.15 14.93
CA LEU A 240 -24.90 -3.41 16.11
C LEU A 240 -26.08 -3.07 17.02
N GLY A 241 -27.29 -2.98 16.44
CA GLY A 241 -28.49 -2.75 17.25
C GLY A 241 -28.72 -3.95 18.15
N LEU A 242 -28.55 -5.15 17.60
CA LEU A 242 -28.73 -6.38 18.38
C LEU A 242 -27.66 -6.47 19.49
N LYS A 243 -26.42 -6.15 19.16
CA LYS A 243 -25.32 -6.18 20.13
C LYS A 243 -25.63 -5.22 21.29
N ASP A 244 -26.08 -4.00 20.97
CA ASP A 244 -26.40 -3.01 22.02
C ASP A 244 -27.58 -3.44 22.90
N ILE A 245 -28.65 -3.94 22.32
CA ILE A 245 -29.83 -4.33 23.13
C ILE A 245 -29.44 -5.58 23.97
N ASN A 246 -28.53 -6.42 23.46
CA ASN A 246 -28.04 -7.56 24.23
C ASN A 246 -27.22 -7.09 25.44
N LEU A 247 -26.43 -5.98 25.34
CA LEU A 247 -25.69 -5.46 26.48
C LEU A 247 -26.66 -4.96 27.55
N THR A 248 -27.77 -4.33 27.14
CA THR A 248 -28.78 -3.81 28.05
C THR A 248 -29.44 -4.98 28.76
N LEU A 249 -29.85 -5.98 28.02
CA LEU A 249 -30.46 -7.17 28.61
C LEU A 249 -29.52 -7.90 29.60
N GLN A 250 -28.24 -8.02 29.29
CA GLN A 250 -27.28 -8.64 30.21
C GLN A 250 -27.10 -7.82 31.46
N THR A 251 -27.03 -6.48 31.30
CA THR A 251 -26.81 -5.53 32.39
C THR A 251 -28.00 -5.60 33.31
N ALA A 252 -29.20 -5.53 32.73
CA ALA A 252 -30.44 -5.60 33.52
C ALA A 252 -30.53 -6.95 34.27
N SER A 253 -30.25 -8.07 33.59
CA SER A 253 -30.30 -9.40 34.22
C SER A 253 -29.33 -9.49 35.36
N ASP A 254 -28.10 -8.92 35.27
CA ASP A 254 -27.14 -8.98 36.39
C ASP A 254 -27.63 -8.24 37.65
N VAL A 255 -28.62 -7.39 37.54
CA VAL A 255 -29.20 -6.72 38.74
C VAL A 255 -30.65 -7.12 38.92
N ASN A 256 -31.01 -8.30 38.35
CA ASN A 256 -32.31 -8.94 38.45
C ASN A 256 -33.42 -8.00 38.08
N ALA A 257 -33.31 -7.40 36.88
CA ALA A 257 -34.33 -6.53 36.38
C ALA A 257 -34.78 -6.98 35.01
N PRO A 258 -36.01 -7.49 34.90
CA PRO A 258 -36.56 -7.73 33.58
C PRO A 258 -36.71 -6.44 32.76
N MSE A 259 -36.67 -6.54 31.42
CA MSE A 259 -36.86 -5.40 30.51
C MSE A 259 -37.77 -5.82 29.38
O MSE A 259 -37.29 -6.06 28.27
CB MSE A 259 -35.50 -4.94 29.89
CG MSE A 259 -34.42 -4.60 30.89
SE MSE A 259 -34.67 -3.02 31.88
CE MSE A 259 -34.04 -1.72 30.48
N PRO A 260 -39.09 -5.96 29.62
CA PRO A 260 -39.98 -6.53 28.57
C PRO A 260 -39.96 -5.86 27.21
N PHE A 261 -39.81 -4.54 27.13
CA PHE A 261 -39.73 -3.86 25.84
C PHE A 261 -38.45 -4.23 25.12
N ALA A 262 -37.35 -4.41 25.88
CA ALA A 262 -36.05 -4.78 25.30
C ALA A 262 -36.08 -6.20 24.65
N ASP A 263 -36.89 -7.09 25.21
CA ASP A 263 -37.08 -8.44 24.66
C ASP A 263 -37.72 -8.35 23.29
N ILE A 264 -38.72 -7.41 23.14
CA ILE A 264 -39.38 -7.16 21.87
C ILE A 264 -38.36 -6.57 20.90
N ILE A 265 -37.55 -5.63 21.37
CA ILE A 265 -36.58 -5.00 20.50
C ILE A 265 -35.64 -6.09 19.96
N ARG A 266 -35.16 -6.94 20.84
CA ARG A 266 -34.21 -8.00 20.45
C ARG A 266 -34.76 -8.89 19.30
N ASN A 267 -36.01 -9.30 19.42
CA ASN A 267 -36.68 -10.14 18.45
C ASN A 267 -36.88 -9.43 17.13
N ARG A 268 -37.05 -8.11 17.14
CA ARG A 268 -37.13 -7.33 15.89
C ARG A 268 -35.82 -7.45 15.15
N PHE A 269 -34.67 -7.39 15.87
CA PHE A 269 -33.37 -7.56 15.19
C PHE A 269 -33.10 -8.99 14.72
N ILE A 270 -33.39 -9.98 15.58
CA ILE A 270 -33.20 -11.39 15.21
C ILE A 270 -34.04 -11.75 13.98
N SER A 271 -35.31 -11.31 13.95
CA SER A 271 -36.21 -11.54 12.80
C SER A 271 -35.74 -10.78 11.57
N GLY A 272 -35.25 -9.55 11.73
CA GLY A 272 -34.71 -8.80 10.60
C GLY A 272 -33.51 -9.46 9.97
N LEU A 273 -32.65 -10.08 10.80
CA LEU A 273 -31.49 -10.82 10.31
C LEU A 273 -31.94 -12.10 9.63
N ALA A 274 -33.05 -12.71 10.08
CA ALA A 274 -33.64 -13.86 9.39
C ALA A 274 -34.17 -13.45 8.02
N LYS A 275 -34.61 -12.18 7.89
CA LYS A 275 -35.11 -11.59 6.63
C LYS A 275 -34.00 -10.89 5.80
N GLY A 276 -32.72 -11.08 6.16
CA GLY A 276 -31.57 -10.56 5.42
C GLY A 276 -31.35 -9.05 5.48
N ARG A 277 -31.70 -8.40 6.59
CA ARG A 277 -31.58 -6.96 6.73
C ARG A 277 -30.26 -6.50 7.37
N GLU A 278 -29.25 -7.38 7.49
CA GLU A 278 -27.94 -7.05 8.10
C GLU A 278 -27.30 -5.78 7.58
N ASN A 279 -27.61 -5.35 6.35
CA ASN A 279 -26.97 -4.17 5.77
C ASN A 279 -27.84 -2.92 5.86
N LEU A 280 -29.00 -2.99 6.53
CA LEU A 280 -29.83 -1.79 6.68
C LEU A 280 -29.42 -1.08 7.95
N ASP A 281 -29.91 0.11 8.08
CA ASP A 281 -29.71 0.90 9.29
C ASP A 281 -30.46 0.22 10.42
N TRP A 282 -29.98 0.36 11.66
CA TRP A 282 -30.65 -0.19 12.84
C TRP A 282 -32.10 0.32 13.00
N GLY A 283 -32.44 1.48 12.44
CA GLY A 283 -33.81 1.97 12.40
C GLY A 283 -34.81 1.01 11.77
N ALA A 284 -34.34 0.14 10.86
CA ALA A 284 -35.18 -0.85 10.22
C ALA A 284 -35.73 -1.88 11.19
N LEU A 285 -35.37 -1.86 12.53
CA LEU A 285 -36.07 -2.70 13.49
C LEU A 285 -37.57 -2.41 13.39
N ALA A 286 -37.92 -1.17 13.03
CA ALA A 286 -39.31 -0.74 12.88
C ALA A 286 -40.05 -1.43 11.74
N LEU A 287 -39.35 -2.15 10.84
CA LEU A 287 -40.07 -2.92 9.79
C LEU A 287 -40.84 -4.09 10.34
N GLY A 288 -40.48 -4.55 11.55
CA GLY A 288 -41.15 -5.68 12.18
C GLY A 288 -42.64 -5.50 12.26
N ALA A 289 -43.09 -4.30 12.67
CA ALA A 289 -44.51 -4.00 12.82
C ALA A 289 -45.22 -4.13 11.49
N SER A 290 -44.55 -3.73 10.38
CA SER A 290 -45.12 -3.82 9.03
C SER A 290 -45.21 -5.26 8.64
N ASP A 291 -44.13 -6.07 8.85
CA ASP A 291 -44.16 -7.52 8.54
C ASP A 291 -45.29 -8.21 9.24
N ASP A 292 -45.46 -7.94 10.57
CA ASP A 292 -46.51 -8.62 11.35
C ASP A 292 -47.90 -8.22 10.91
N ALA A 293 -48.07 -7.01 10.37
CA ALA A 293 -49.35 -6.55 9.85
C ALA A 293 -49.51 -6.84 8.35
N GLY A 294 -48.66 -7.68 7.77
CA GLY A 294 -48.83 -8.16 6.41
C GLY A 294 -48.59 -7.12 5.34
N LEU A 295 -47.69 -6.17 5.60
CA LEU A 295 -47.40 -5.07 4.68
C LEU A 295 -46.04 -5.19 3.97
N THR A 296 -45.21 -6.17 4.31
CA THR A 296 -43.92 -6.35 3.62
C THR A 296 -44.01 -7.48 2.58
N LYS B 7 -11.35 -2.74 -25.82
CA LYS B 7 -11.95 -2.47 -24.51
C LYS B 7 -11.75 -0.98 -24.14
N ILE B 8 -10.49 -0.56 -23.80
CA ILE B 8 -10.21 0.83 -23.38
C ILE B 8 -9.94 1.69 -24.62
N ALA B 9 -10.70 2.79 -24.80
CA ALA B 9 -10.39 3.69 -25.93
C ALA B 9 -9.30 4.68 -25.49
N PHE B 10 -8.37 4.98 -26.38
CA PHE B 10 -7.25 5.87 -26.09
C PHE B 10 -7.09 6.84 -27.23
N LEU B 11 -7.44 8.09 -26.99
CA LEU B 11 -7.45 9.13 -28.00
C LEU B 11 -6.31 10.15 -27.77
N GLY B 12 -5.41 10.29 -28.73
CA GLY B 12 -4.30 11.22 -28.65
C GLY B 12 -3.04 10.49 -28.23
N LEU B 13 -2.07 10.35 -29.17
CA LEU B 13 -0.87 9.57 -29.01
C LEU B 13 0.37 10.41 -29.25
N GLY B 14 0.45 11.54 -28.59
CA GLY B 14 1.61 12.42 -28.69
C GLY B 14 2.74 11.91 -27.81
N ASN B 15 3.59 12.84 -27.34
CA ASN B 15 4.77 12.53 -26.51
C ASN B 15 4.40 11.84 -25.20
N LEU B 16 3.20 12.11 -24.64
CA LEU B 16 2.76 11.45 -23.42
C LEU B 16 1.79 10.30 -23.72
N GLY B 17 0.91 10.46 -24.71
CA GLY B 17 -0.05 9.43 -25.05
C GLY B 17 0.57 8.11 -25.47
N THR B 18 1.64 8.18 -26.28
CA THR B 18 2.34 6.99 -26.75
C THR B 18 2.88 6.20 -25.55
N PRO B 19 3.81 6.74 -24.75
CA PRO B 19 4.32 5.94 -23.61
C PRO B 19 3.24 5.51 -22.63
N ILE B 20 2.20 6.33 -22.40
CA ILE B 20 1.14 5.92 -21.50
C ILE B 20 0.45 4.69 -22.06
N ALA B 21 0.11 4.69 -23.35
CA ALA B 21 -0.59 3.56 -23.98
C ALA B 21 0.29 2.29 -24.00
N GLU B 22 1.59 2.45 -24.20
CA GLU B 22 2.51 1.29 -24.19
C GLU B 22 2.48 0.57 -22.82
N ILE B 23 2.44 1.31 -21.73
CA ILE B 23 2.39 0.69 -20.40
C ILE B 23 1.04 -0.04 -20.17
N LEU B 24 -0.07 0.52 -20.65
CA LEU B 24 -1.37 -0.12 -20.44
C LEU B 24 -1.45 -1.38 -21.28
N LEU B 25 -0.83 -1.40 -22.46
CA LEU B 25 -0.75 -2.62 -23.26
C LEU B 25 0.14 -3.68 -22.55
N GLU B 26 1.36 -3.30 -22.10
CA GLU B 26 2.25 -4.17 -21.32
C GLU B 26 1.52 -4.73 -20.10
N ALA B 27 0.68 -3.91 -19.41
CA ALA B 27 -0.05 -4.34 -18.20
C ALA B 27 -1.31 -5.25 -18.49
N GLY B 28 -1.53 -5.67 -19.74
CA GLY B 28 -2.62 -6.58 -20.10
C GLY B 28 -3.94 -5.98 -20.52
N TYR B 29 -4.04 -4.65 -20.64
CA TYR B 29 -5.28 -4.02 -21.10
C TYR B 29 -5.35 -4.00 -22.62
N GLU B 30 -6.54 -4.26 -23.16
CA GLU B 30 -6.80 -4.20 -24.60
C GLU B 30 -7.11 -2.73 -24.96
N LEU B 31 -6.38 -2.14 -25.95
CA LEU B 31 -6.60 -0.75 -26.36
C LEU B 31 -7.04 -0.60 -27.79
N VAL B 32 -8.01 0.33 -28.03
CA VAL B 32 -8.43 0.75 -29.36
C VAL B 32 -8.04 2.23 -29.39
N VAL B 33 -7.04 2.53 -30.24
CA VAL B 33 -6.39 3.82 -30.25
C VAL B 33 -6.72 4.63 -31.47
N TRP B 34 -6.49 5.93 -31.35
CA TRP B 34 -6.75 6.91 -32.39
C TRP B 34 -5.87 8.11 -32.20
N ASN B 35 -5.53 8.73 -33.30
CA ASN B 35 -4.73 9.95 -33.27
C ASN B 35 -5.01 10.75 -34.52
N ARG B 36 -5.02 12.09 -34.43
CA ARG B 36 -5.23 12.97 -35.59
C ARG B 36 -4.20 12.63 -36.71
N THR B 37 -2.97 12.21 -36.33
CA THR B 37 -1.91 11.75 -37.24
C THR B 37 -1.89 10.23 -37.11
N ALA B 38 -2.47 9.53 -38.11
CA ALA B 38 -2.66 8.09 -38.06
C ALA B 38 -1.38 7.23 -37.95
N SER B 39 -0.22 7.70 -38.45
CA SER B 39 1.02 6.90 -38.43
C SER B 39 1.65 6.73 -37.02
N LYS B 40 1.32 7.62 -36.06
CA LYS B 40 1.85 7.55 -34.68
C LYS B 40 1.39 6.30 -33.91
N ALA B 41 0.30 5.65 -34.33
CA ALA B 41 -0.26 4.49 -33.65
C ALA B 41 0.35 3.15 -34.03
N GLU B 42 1.14 3.07 -35.11
CA GLU B 42 1.66 1.79 -35.55
C GLU B 42 2.64 1.11 -34.55
N PRO B 43 3.46 1.79 -33.72
CA PRO B 43 4.24 1.05 -32.71
C PRO B 43 3.33 0.38 -31.65
N LEU B 44 2.11 0.94 -31.40
CA LEU B 44 1.16 0.36 -30.43
C LEU B 44 0.42 -0.87 -31.01
N THR B 45 0.24 -0.93 -32.36
CA THR B 45 -0.39 -2.10 -33.00
C THR B 45 0.52 -3.33 -32.85
N LYS B 46 1.84 -3.12 -32.75
CA LYS B 46 2.79 -4.22 -32.57
C LYS B 46 2.68 -4.77 -31.14
N LEU B 47 2.28 -3.90 -30.18
CA LEU B 47 2.14 -4.28 -28.76
C LEU B 47 0.76 -4.89 -28.43
N GLY B 48 -0.13 -5.06 -29.42
CA GLY B 48 -1.44 -5.66 -29.24
C GLY B 48 -2.64 -4.74 -29.49
N ALA B 49 -2.45 -3.42 -29.53
CA ALA B 49 -3.57 -2.47 -29.73
C ALA B 49 -4.18 -2.54 -31.12
N THR B 50 -5.42 -2.06 -31.25
CA THR B 50 -6.16 -1.94 -32.52
C THR B 50 -6.29 -0.43 -32.82
N VAL B 51 -6.31 -0.05 -34.11
CA VAL B 51 -6.39 1.34 -34.55
C VAL B 51 -7.68 1.57 -35.30
N VAL B 52 -8.26 2.78 -35.19
CA VAL B 52 -9.46 3.15 -35.95
C VAL B 52 -9.20 4.47 -36.67
N GLU B 53 -9.93 4.71 -37.75
CA GLU B 53 -9.80 5.89 -38.60
C GLU B 53 -10.49 7.11 -37.98
N ASN B 54 -11.64 6.92 -37.29
CA ASN B 54 -12.41 8.00 -36.65
C ASN B 54 -12.55 7.76 -35.14
N ALA B 55 -12.33 8.78 -34.32
CA ALA B 55 -12.38 8.66 -32.87
C ALA B 55 -13.69 8.00 -32.32
N ILE B 56 -14.85 8.28 -32.93
CA ILE B 56 -16.10 7.71 -32.42
C ILE B 56 -16.17 6.15 -32.54
N ASP B 57 -15.46 5.58 -33.54
CA ASP B 57 -15.39 4.13 -33.76
C ASP B 57 -14.62 3.42 -32.63
N ALA B 58 -13.82 4.17 -31.85
CA ALA B 58 -13.02 3.67 -30.73
C ALA B 58 -13.85 3.53 -29.43
N ILE B 59 -14.97 4.29 -29.34
CA ILE B 59 -15.79 4.37 -28.12
C ILE B 59 -16.74 3.20 -27.98
N THR B 60 -16.83 2.65 -26.76
CA THR B 60 -17.74 1.60 -26.38
C THR B 60 -18.77 2.17 -25.41
N PRO B 61 -20.08 2.07 -25.67
CA PRO B 61 -21.07 2.51 -24.66
C PRO B 61 -20.77 1.92 -23.28
N GLY B 62 -20.69 2.76 -22.25
CA GLY B 62 -20.40 2.28 -20.90
C GLY B 62 -18.95 1.89 -20.62
N GLY B 63 -18.06 2.00 -21.62
CA GLY B 63 -16.64 1.73 -21.49
C GLY B 63 -15.82 2.89 -20.96
N ILE B 64 -14.48 2.78 -21.09
CA ILE B 64 -13.51 3.76 -20.63
C ILE B 64 -12.82 4.40 -21.82
N VAL B 65 -12.66 5.72 -21.81
CA VAL B 65 -11.90 6.38 -22.87
C VAL B 65 -10.88 7.32 -22.20
N PHE B 66 -9.64 7.22 -22.59
CA PHE B 66 -8.60 8.14 -22.13
C PHE B 66 -8.35 9.13 -23.25
N SER B 67 -8.07 10.40 -22.93
CA SER B 67 -7.65 11.36 -23.95
C SER B 67 -6.48 12.17 -23.45
N VAL B 68 -5.57 12.48 -24.35
CA VAL B 68 -4.45 13.34 -24.01
C VAL B 68 -4.18 14.11 -25.27
N LEU B 69 -4.56 15.40 -25.23
CA LEU B 69 -4.49 16.30 -26.37
C LEU B 69 -3.82 17.60 -25.98
N ALA B 70 -3.43 18.38 -27.00
CA ALA B 70 -2.59 19.57 -26.82
C ALA B 70 -3.22 20.64 -26.00
N ASP B 71 -4.50 20.93 -26.23
CA ASP B 71 -5.15 22.07 -25.59
C ASP B 71 -6.67 21.95 -25.50
N ASP B 72 -7.30 22.98 -24.90
CA ASP B 72 -8.75 23.05 -24.65
C ASP B 72 -9.57 22.89 -25.93
N ALA B 73 -9.17 23.60 -27.03
CA ALA B 73 -9.91 23.48 -28.28
C ALA B 73 -9.84 22.05 -28.85
N ALA B 74 -8.69 21.36 -28.74
CA ALA B 74 -8.58 20.00 -29.22
C ALA B 74 -9.55 19.05 -28.45
N VAL B 75 -9.73 19.26 -27.14
CA VAL B 75 -10.61 18.38 -26.34
C VAL B 75 -12.06 18.66 -26.68
N GLU B 76 -12.43 19.94 -26.80
CA GLU B 76 -13.80 20.31 -27.13
C GLU B 76 -14.20 19.86 -28.54
N GLU B 77 -13.26 19.92 -29.51
CA GLU B 77 -13.53 19.52 -30.91
C GLU B 77 -13.80 18.02 -30.97
N LEU B 78 -13.06 17.26 -30.18
CA LEU B 78 -13.21 15.83 -30.20
C LEU B 78 -14.40 15.37 -29.38
N PHE B 79 -14.59 15.91 -28.19
CA PHE B 79 -15.66 15.49 -27.32
C PHE B 79 -16.99 16.24 -27.62
N SER B 80 -17.48 15.99 -28.83
CA SER B 80 -18.75 16.55 -29.30
C SER B 80 -19.87 15.86 -28.57
N MSE B 81 -21.09 16.41 -28.64
CA MSE B 81 -22.25 15.77 -28.02
C MSE B 81 -22.50 14.33 -28.53
O MSE B 81 -22.92 13.49 -27.74
CB MSE B 81 -23.52 16.60 -28.33
CG MSE B 81 -23.64 17.85 -27.48
SE MSE B 81 -25.52 18.53 -27.70
CE MSE B 81 -25.68 18.66 -29.53
N GLU B 82 -22.29 14.07 -29.84
CA GLU B 82 -22.54 12.77 -30.45
C GLU B 82 -21.50 11.73 -30.01
N LEU B 83 -20.25 12.13 -29.76
CA LEU B 83 -19.25 11.21 -29.27
C LEU B 83 -19.52 10.87 -27.79
N VAL B 84 -19.80 11.88 -26.96
CA VAL B 84 -20.12 11.70 -25.53
C VAL B 84 -21.42 10.84 -25.37
N GLU B 85 -22.35 11.07 -26.24
CA GLU B 85 -23.59 10.29 -26.24
C GLU B 85 -23.30 8.81 -26.53
N LYS B 86 -22.35 8.52 -27.45
CA LYS B 86 -22.02 7.12 -27.69
C LYS B 86 -21.37 6.53 -26.43
N LEU B 87 -20.43 7.25 -25.79
CA LEU B 87 -19.82 6.83 -24.50
C LEU B 87 -20.92 6.46 -23.47
N GLY B 88 -21.97 7.28 -23.41
CA GLY B 88 -23.23 6.98 -22.74
C GLY B 88 -23.20 6.59 -21.27
N LYS B 89 -24.28 5.89 -20.85
CA LYS B 89 -24.52 5.51 -19.46
C LYS B 89 -23.39 4.68 -18.87
N ASP B 90 -22.88 5.13 -17.72
CA ASP B 90 -21.78 4.52 -16.96
C ASP B 90 -20.42 4.60 -17.68
N GLY B 91 -20.35 5.27 -18.84
CA GLY B 91 -19.10 5.44 -19.55
C GLY B 91 -18.22 6.40 -18.76
N VAL B 92 -16.91 6.21 -18.83
CA VAL B 92 -15.98 7.06 -18.08
C VAL B 92 -14.90 7.62 -19.01
N HIS B 93 -14.69 8.96 -18.98
CA HIS B 93 -13.68 9.64 -19.76
C HIS B 93 -12.60 10.17 -18.81
N VAL B 94 -11.39 9.66 -18.94
CA VAL B 94 -10.21 10.09 -18.18
C VAL B 94 -9.49 11.12 -19.05
N SER B 95 -9.64 12.35 -18.68
CA SER B 95 -9.21 13.48 -19.48
C SER B 95 -7.89 14.00 -18.92
N MSE B 96 -6.82 13.64 -19.56
CA MSE B 96 -5.46 13.94 -19.05
C MSE B 96 -4.81 15.18 -19.65
O MSE B 96 -3.71 15.52 -19.24
CB MSE B 96 -4.58 12.75 -19.29
CG MSE B 96 -5.17 11.48 -18.65
SE MSE B 96 -3.92 10.02 -18.64
CE MSE B 96 -3.93 9.69 -20.48
N SER B 97 -5.49 15.89 -20.54
CA SER B 97 -4.89 17.08 -21.13
C SER B 97 -4.74 18.21 -20.09
N THR B 98 -3.76 19.07 -20.28
CA THR B 98 -3.60 20.27 -19.46
C THR B 98 -4.54 21.33 -20.00
N ILE B 99 -5.64 21.48 -19.35
CA ILE B 99 -6.67 22.42 -19.78
C ILE B 99 -7.24 23.14 -18.59
N SER B 100 -8.05 24.12 -18.91
CA SER B 100 -8.70 24.94 -17.94
C SER B 100 -9.71 24.17 -17.08
N PRO B 101 -9.79 24.49 -15.78
CA PRO B 101 -10.89 23.95 -14.94
C PRO B 101 -12.26 24.21 -15.55
N GLU B 102 -12.45 25.41 -16.12
CA GLU B 102 -13.72 25.76 -16.76
C GLU B 102 -14.03 24.84 -17.94
N THR B 103 -13.03 24.51 -18.79
CA THR B 103 -13.29 23.60 -19.91
C THR B 103 -13.71 22.23 -19.35
N SER B 104 -13.02 21.75 -18.29
CA SER B 104 -13.35 20.47 -17.70
C SER B 104 -14.74 20.44 -17.11
N ARG B 105 -15.13 21.47 -16.34
CA ARG B 105 -16.45 21.54 -15.72
C ARG B 105 -17.54 21.61 -16.78
N GLN B 106 -17.30 22.32 -17.91
CA GLN B 106 -18.27 22.42 -19.01
C GLN B 106 -18.47 21.08 -19.66
N LEU B 107 -17.35 20.41 -20.02
CA LEU B 107 -17.41 19.09 -20.64
C LEU B 107 -18.02 18.05 -19.70
N ALA B 108 -17.68 18.12 -18.40
CA ALA B 108 -18.24 17.18 -17.40
C ALA B 108 -19.72 17.28 -17.32
N GLN B 109 -20.21 18.50 -17.47
CA GLN B 109 -21.65 18.74 -17.46
C GLN B 109 -22.30 17.98 -18.67
N VAL B 110 -21.69 18.06 -19.86
CA VAL B 110 -22.21 17.42 -21.07
C VAL B 110 -22.19 15.89 -20.90
N HIS B 111 -21.15 15.34 -20.25
CA HIS B 111 -21.07 13.90 -20.01
C HIS B 111 -22.25 13.43 -19.16
N GLU B 112 -22.58 14.15 -18.10
CA GLU B 112 -23.72 13.81 -17.22
C GLU B 112 -25.08 13.84 -17.93
N TRP B 113 -25.21 14.55 -19.06
CA TRP B 113 -26.47 14.54 -19.81
C TRP B 113 -26.81 13.16 -20.31
N TYR B 114 -25.74 12.40 -20.68
CA TYR B 114 -25.86 11.03 -21.21
C TYR B 114 -25.55 9.94 -20.17
N GLY B 115 -25.44 10.30 -18.88
CA GLY B 115 -25.14 9.32 -17.84
C GLY B 115 -23.68 8.87 -17.80
N ALA B 116 -22.78 9.60 -18.48
CA ALA B 116 -21.34 9.31 -18.51
C ALA B 116 -20.63 10.16 -17.46
N HIS B 117 -19.37 9.87 -17.16
CA HIS B 117 -18.63 10.61 -16.15
C HIS B 117 -17.31 11.11 -16.70
N TYR B 118 -17.04 12.39 -16.48
CA TYR B 118 -15.80 13.02 -16.84
C TYR B 118 -14.89 13.05 -15.65
N VAL B 119 -13.69 12.52 -15.78
CA VAL B 119 -12.67 12.58 -14.71
C VAL B 119 -11.52 13.47 -15.17
N GLY B 120 -11.30 14.58 -14.47
CA GLY B 120 -10.16 15.45 -14.73
C GLY B 120 -8.92 14.77 -14.22
N ALA B 121 -7.96 14.48 -15.11
CA ALA B 121 -6.82 13.62 -14.72
C ALA B 121 -5.51 14.13 -15.26
N PRO B 122 -5.17 15.40 -15.02
CA PRO B 122 -3.89 15.94 -15.53
C PRO B 122 -2.69 15.20 -14.98
N ILE B 123 -1.66 15.04 -15.81
N ILE B 123 -1.67 14.99 -15.83
CA ILE B 123 -0.45 14.29 -15.45
CA ILE B 123 -0.44 14.29 -15.44
C ILE B 123 0.72 15.25 -15.20
C ILE B 123 0.67 15.28 -15.14
N PHE B 124 1.51 14.91 -14.16
CA PHE B 124 2.70 15.63 -13.75
C PHE B 124 3.82 14.70 -14.09
N ALA B 125 4.22 14.73 -15.35
CA ALA B 125 5.28 13.83 -15.84
C ALA B 125 5.77 14.22 -17.19
N ARG B 126 7.06 14.35 -17.37
CA ARG B 126 7.66 14.49 -18.69
C ARG B 126 7.72 13.06 -19.29
N PRO B 127 7.78 12.88 -20.63
CA PRO B 127 7.80 11.51 -21.21
C PRO B 127 8.75 10.49 -20.56
N GLU B 128 9.92 10.94 -20.09
CA GLU B 128 10.88 10.04 -19.45
C GLU B 128 10.32 9.54 -18.11
N ALA B 129 9.66 10.44 -17.35
CA ALA B 129 9.09 10.11 -16.04
C ALA B 129 7.97 9.09 -16.17
N VAL B 130 7.28 9.04 -17.35
CA VAL B 130 6.20 8.09 -17.63
C VAL B 130 6.79 6.72 -17.85
N ARG B 131 7.86 6.63 -18.68
CA ARG B 131 8.51 5.36 -18.95
C ARG B 131 9.08 4.80 -17.65
N ALA B 132 9.64 5.69 -16.81
CA ALA B 132 10.19 5.28 -15.51
C ALA B 132 9.11 5.14 -14.43
N LYS B 133 7.84 5.51 -14.73
CA LYS B 133 6.68 5.43 -13.82
C LYS B 133 6.91 6.22 -12.50
N VAL B 134 7.69 7.34 -12.57
CA VAL B 134 8.03 8.20 -11.41
C VAL B 134 7.16 9.49 -11.38
N GLY B 135 6.26 9.62 -12.34
CA GLY B 135 5.33 10.74 -12.44
C GLY B 135 4.15 10.63 -11.49
N ASN B 136 3.29 11.63 -11.53
CA ASN B 136 2.14 11.69 -10.65
C ASN B 136 0.90 12.13 -11.39
N ILE B 137 -0.26 11.76 -10.88
CA ILE B 137 -1.52 12.22 -11.48
C ILE B 137 -2.45 12.76 -10.38
N CYS B 138 -3.29 13.74 -10.75
CA CYS B 138 -4.35 14.29 -9.90
C CYS B 138 -5.65 13.91 -10.52
N LEU B 139 -6.60 13.47 -9.70
CA LEU B 139 -7.91 13.06 -10.21
C LEU B 139 -8.96 13.84 -9.54
N SER B 140 -9.99 14.24 -10.28
CA SER B 140 -11.16 14.89 -9.71
C SER B 140 -12.37 14.58 -10.62
N GLY B 141 -13.53 14.52 -9.98
CA GLY B 141 -14.78 14.11 -10.62
C GLY B 141 -15.48 13.08 -9.79
N ASN B 142 -16.44 12.38 -10.41
CA ASN B 142 -17.28 11.38 -9.78
C ASN B 142 -16.46 10.25 -9.05
N ALA B 143 -16.83 9.94 -7.79
CA ALA B 143 -16.09 8.98 -6.96
C ALA B 143 -16.07 7.57 -7.55
N GLY B 144 -17.21 7.08 -8.01
CA GLY B 144 -17.33 5.76 -8.63
C GLY B 144 -16.48 5.66 -9.88
N ALA B 145 -16.49 6.71 -10.68
CA ALA B 145 -15.68 6.72 -11.91
C ALA B 145 -14.19 6.77 -11.58
N LYS B 146 -13.77 7.56 -10.57
CA LYS B 146 -12.35 7.57 -10.16
C LYS B 146 -11.92 6.20 -9.61
N GLU B 147 -12.81 5.54 -8.85
CA GLU B 147 -12.54 4.24 -8.28
C GLU B 147 -12.36 3.20 -9.41
N ARG B 148 -13.12 3.32 -10.48
CA ARG B 148 -13.00 2.40 -11.62
C ARG B 148 -11.67 2.55 -12.39
N ILE B 149 -11.15 3.76 -12.53
CA ILE B 149 -9.95 3.99 -13.36
C ILE B 149 -8.68 4.10 -12.54
N LYS B 150 -8.78 4.27 -11.21
CA LYS B 150 -7.58 4.38 -10.38
C LYS B 150 -6.64 3.20 -10.57
N PRO B 151 -7.14 1.95 -10.61
CA PRO B 151 -6.23 0.80 -10.81
C PRO B 151 -5.55 0.82 -12.18
N ILE B 152 -6.18 1.46 -13.19
CA ILE B 152 -5.56 1.54 -14.51
C ILE B 152 -4.40 2.55 -14.48
N VAL B 153 -4.62 3.76 -13.97
CA VAL B 153 -3.59 4.82 -14.00
C VAL B 153 -2.41 4.52 -13.06
N GLU B 154 -2.59 3.67 -12.03
CA GLU B 154 -1.49 3.25 -11.14
C GLU B 154 -0.37 2.59 -11.91
N ASN B 155 -0.66 2.05 -13.09
CA ASN B 155 0.34 1.38 -13.90
C ASN B 155 1.37 2.32 -14.49
N PHE B 156 1.04 3.60 -14.74
CA PHE B 156 2.02 4.51 -15.36
C PHE B 156 2.39 5.72 -14.50
N VAL B 157 2.05 5.74 -13.21
CA VAL B 157 2.47 6.80 -12.30
C VAL B 157 2.80 6.20 -10.98
N LYS B 158 3.55 6.94 -10.17
CA LYS B 158 3.87 6.58 -8.81
C LYS B 158 2.68 7.05 -7.96
N GLY B 159 2.45 8.35 -7.90
CA GLY B 159 1.39 8.92 -7.08
C GLY B 159 0.10 9.24 -7.78
N VAL B 160 -1.00 8.99 -7.07
CA VAL B 160 -2.36 9.28 -7.47
C VAL B 160 -2.95 10.14 -6.37
N PHE B 161 -3.28 11.40 -6.68
CA PHE B 161 -3.84 12.32 -5.69
C PHE B 161 -5.29 12.59 -6.04
N ASP B 162 -6.17 12.49 -5.06
CA ASP B 162 -7.60 12.70 -5.26
C ASP B 162 -8.01 14.08 -4.79
N PHE B 163 -8.62 14.88 -5.66
CA PHE B 163 -9.05 16.25 -5.32
C PHE B 163 -10.61 16.39 -5.30
N GLY B 164 -11.34 15.29 -5.05
CA GLY B 164 -12.78 15.33 -4.83
C GLY B 164 -13.66 15.37 -6.05
N ASP B 165 -14.91 15.79 -5.85
CA ASP B 165 -16.00 15.78 -6.82
C ASP B 165 -15.91 16.79 -7.94
N ASP B 166 -15.38 17.98 -7.68
CA ASP B 166 -15.36 19.04 -8.69
C ASP B 166 -14.54 18.56 -9.92
N PRO B 167 -15.15 18.37 -11.11
CA PRO B 167 -14.38 17.87 -12.25
C PRO B 167 -13.18 18.71 -12.68
N GLY B 168 -13.15 19.99 -12.37
CA GLY B 168 -12.05 20.87 -12.75
C GLY B 168 -11.03 21.10 -11.65
N ALA B 169 -11.24 20.57 -10.43
CA ALA B 169 -10.27 20.75 -9.33
C ALA B 169 -8.83 20.25 -9.62
N ALA B 170 -8.68 19.04 -10.19
CA ALA B 170 -7.33 18.55 -10.46
C ALA B 170 -6.63 19.48 -11.45
N ASN B 171 -7.40 20.02 -12.41
CA ASN B 171 -6.89 20.99 -13.40
C ASN B 171 -6.33 22.22 -12.74
N VAL B 172 -6.93 22.64 -11.61
CA VAL B 172 -6.41 23.80 -10.85
C VAL B 172 -5.05 23.45 -10.30
N ILE B 173 -4.88 22.21 -9.82
CA ILE B 173 -3.60 21.80 -9.22
C ILE B 173 -2.52 21.79 -10.29
N LYS B 174 -2.83 21.30 -11.49
CA LYS B 174 -1.89 21.21 -12.60
C LYS B 174 -1.39 22.62 -13.01
N LEU B 175 -2.32 23.56 -13.17
CA LEU B 175 -2.00 24.95 -13.50
C LEU B 175 -1.13 25.55 -12.41
N ALA B 176 -1.44 25.29 -11.13
CA ALA B 176 -0.67 25.79 -10.02
C ALA B 176 0.76 25.22 -10.02
N GLY B 177 0.88 23.92 -10.35
CA GLY B 177 2.17 23.26 -10.45
C GLY B 177 3.04 23.88 -11.52
N ASN B 178 2.46 24.08 -12.73
CA ASN B 178 3.14 24.70 -13.89
C ASN B 178 3.48 26.17 -13.62
N PHE B 179 2.63 26.86 -12.89
CA PHE B 179 2.88 28.24 -12.45
C PHE B 179 4.10 28.28 -11.54
N MSE B 180 4.22 27.31 -10.62
CA MSE B 180 5.36 27.30 -9.69
C MSE B 180 6.64 26.93 -10.42
O MSE B 180 7.69 27.46 -10.11
CB MSE B 180 5.14 26.37 -8.52
CG MSE B 180 4.17 26.97 -7.54
SE MSE B 180 3.75 25.91 -5.96
CE MSE B 180 5.50 25.74 -5.15
N ILE B 181 6.53 26.09 -11.47
CA ILE B 181 7.72 25.76 -12.26
C ILE B 181 8.22 27.03 -12.96
N ALA B 182 7.31 27.79 -13.57
CA ALA B 182 7.59 29.05 -14.28
C ALA B 182 8.18 30.09 -13.32
N CYS B 183 7.65 30.18 -12.10
CA CYS B 183 8.24 31.07 -11.08
C CYS B 183 9.66 30.65 -10.72
N SER B 184 9.92 29.35 -10.67
CA SER B 184 11.26 28.83 -10.34
C SER B 184 12.23 29.24 -11.40
N LEU B 185 11.81 29.13 -12.67
CA LEU B 185 12.63 29.58 -13.77
C LEU B 185 12.95 31.07 -13.69
N GLU B 186 11.92 31.88 -13.41
CA GLU B 186 12.09 33.31 -13.33
C GLU B 186 13.00 33.71 -12.15
N MSE B 187 12.81 33.18 -10.96
CA MSE B 187 13.63 33.62 -9.82
C MSE B 187 15.10 33.21 -10.04
O MSE B 187 15.99 33.95 -9.65
CB MSE B 187 13.10 33.08 -8.48
CG MSE B 187 13.27 31.53 -8.30
SE MSE B 187 12.55 30.93 -6.59
CE MSE B 187 10.69 30.78 -6.95
N MSE B 188 15.35 32.07 -10.70
CA MSE B 188 16.72 31.66 -11.06
C MSE B 188 17.32 32.60 -12.14
O MSE B 188 18.47 33.01 -12.02
CB MSE B 188 16.77 30.22 -11.51
CG MSE B 188 16.70 29.29 -10.33
SE MSE B 188 16.96 27.41 -10.69
CE MSE B 188 15.40 26.91 -11.67
N GLY B 189 16.53 32.98 -13.13
CA GLY B 189 16.99 33.98 -14.11
C GLY B 189 17.42 35.28 -13.45
N GLU B 190 16.60 35.78 -12.53
CA GLU B 190 16.91 37.00 -11.80
C GLU B 190 18.11 36.85 -10.94
N ALA B 191 18.14 35.80 -10.14
CA ALA B 191 19.23 35.53 -9.20
C ALA B 191 20.52 35.25 -9.91
N PHE B 192 20.50 34.43 -10.98
CA PHE B 192 21.74 34.08 -11.71
C PHE B 192 22.29 35.21 -12.51
N THR B 193 21.42 36.12 -13.00
CA THR B 193 21.82 37.35 -13.68
C THR B 193 22.43 38.33 -12.71
N MSE B 194 21.86 38.49 -11.50
CA MSE B 194 22.46 39.36 -10.50
C MSE B 194 23.89 38.89 -10.19
O MSE B 194 24.81 39.70 -10.03
CB MSE B 194 21.64 39.39 -9.16
CG MSE B 194 22.44 40.04 -7.95
SE MSE B 194 21.24 40.18 -6.40
CE MSE B 194 21.22 38.30 -5.80
N ALA B 195 24.05 37.57 -10.03
CA ALA B 195 25.36 36.97 -9.74
C ALA B 195 26.30 37.22 -10.92
N GLU B 196 25.81 36.96 -12.15
CA GLU B 196 26.63 37.14 -13.34
C GLU B 196 27.15 38.58 -13.48
N LYS B 197 26.30 39.54 -13.24
CA LYS B 197 26.73 40.95 -13.34
C LYS B 197 27.65 41.33 -12.19
N ASN B 198 27.71 40.50 -11.12
CA ASN B 198 28.66 40.66 -10.01
C ASN B 198 29.93 39.88 -10.26
N GLY B 199 30.15 39.38 -11.49
CA GLY B 199 31.35 38.64 -11.83
C GLY B 199 31.36 37.22 -11.33
N ILE B 200 30.19 36.64 -10.95
CA ILE B 200 30.11 35.26 -10.45
C ILE B 200 29.53 34.40 -11.56
N SER B 201 30.09 33.24 -11.81
CA SER B 201 29.57 32.37 -12.86
C SER B 201 28.18 31.84 -12.50
N ARG B 202 27.32 31.70 -13.51
CA ARG B 202 25.94 31.27 -13.30
C ARG B 202 25.93 29.81 -12.80
N GLN B 203 26.85 29.03 -13.33
CA GLN B 203 26.98 27.62 -12.97
C GLN B 203 27.34 27.46 -11.50
N SER B 204 28.26 28.29 -10.97
CA SER B 204 28.70 28.16 -9.55
C SER B 204 27.58 28.51 -8.56
N ILE B 205 26.83 29.60 -8.80
CA ILE B 205 25.69 29.93 -7.93
C ILE B 205 24.61 28.82 -8.08
N TYR B 206 24.33 28.38 -9.30
CA TYR B 206 23.39 27.25 -9.54
C TYR B 206 23.78 25.97 -8.73
N GLU B 207 25.02 25.57 -8.83
CA GLU B 207 25.48 24.36 -8.15
C GLU B 207 25.35 24.48 -6.64
N MSE B 208 25.67 25.66 -6.07
CA MSE B 208 25.61 25.83 -4.63
C MSE B 208 24.19 25.82 -4.15
O MSE B 208 23.88 25.04 -3.25
CB MSE B 208 26.31 27.11 -4.20
CG MSE B 208 26.54 27.22 -2.70
SE MSE B 208 24.97 27.95 -1.81
CE MSE B 208 25.28 27.25 -0.13
N LEU B 209 23.35 26.64 -4.73
CA LEU B 209 21.96 26.78 -4.27
C LEU B 209 21.11 25.53 -4.48
N THR B 210 21.33 24.79 -5.58
CA THR B 210 20.52 23.57 -5.83
C THR B 210 21.12 22.31 -5.20
N SER B 211 22.33 22.42 -4.65
CA SER B 211 22.97 21.30 -3.96
C SER B 211 22.34 21.11 -2.59
N THR B 212 21.86 22.21 -2.03
CA THR B 212 21.44 22.35 -0.66
C THR B 212 19.92 22.77 -0.48
N LEU B 213 19.67 24.04 -0.41
CA LEU B 213 18.34 24.62 -0.21
C LEU B 213 17.32 24.20 -1.26
N PHE B 214 17.70 24.30 -2.53
CA PHE B 214 16.80 24.03 -3.66
C PHE B 214 17.12 22.70 -4.34
N ALA B 215 17.33 21.63 -3.54
CA ALA B 215 17.65 20.27 -4.02
C ALA B 215 16.37 19.45 -4.34
N ALA B 216 15.52 19.97 -5.21
CA ALA B 216 14.29 19.32 -5.72
C ALA B 216 14.45 19.16 -7.25
N PRO B 217 13.87 18.12 -7.88
CA PRO B 217 14.15 17.87 -9.31
C PRO B 217 13.86 19.05 -10.23
N ILE B 218 12.82 19.86 -9.94
CA ILE B 218 12.48 21.04 -10.75
C ILE B 218 13.71 22.00 -10.85
N PHE B 219 14.31 22.36 -9.72
CA PHE B 219 15.44 23.30 -9.68
C PHE B 219 16.72 22.77 -10.24
N GLN B 220 16.99 21.48 -10.12
CA GLN B 220 18.22 20.89 -10.62
C GLN B 220 18.14 20.71 -12.16
N ASN B 221 16.98 20.27 -12.67
CA ASN B 221 16.77 20.11 -14.11
C ASN B 221 16.60 21.44 -14.80
N TYR B 222 15.71 22.29 -14.29
CA TYR B 222 15.51 23.58 -14.92
C TYR B 222 16.66 24.55 -14.61
N GLY B 223 17.36 24.39 -13.48
CA GLY B 223 18.45 25.29 -13.12
C GLY B 223 19.64 25.20 -14.03
N LYS B 224 19.92 24.01 -14.54
CA LYS B 224 21.03 23.79 -15.46
C LYS B 224 20.75 24.56 -16.76
N LEU B 225 19.49 24.54 -17.23
CA LEU B 225 19.10 25.30 -18.44
C LEU B 225 19.34 26.80 -18.22
N VAL B 226 18.90 27.31 -17.07
CA VAL B 226 19.02 28.74 -16.77
C VAL B 226 20.48 29.13 -16.60
N ALA B 227 21.27 28.25 -16.00
CA ALA B 227 22.69 28.51 -15.79
C ALA B 227 23.39 28.62 -17.12
N SER B 228 23.16 27.67 -18.01
CA SER B 228 23.82 27.68 -19.32
C SER B 228 23.14 28.67 -20.26
N ASN B 229 21.89 29.04 -19.96
CA ASN B 229 21.09 29.96 -20.76
C ASN B 229 20.96 29.38 -22.16
N THR B 230 20.97 28.05 -22.29
CA THR B 230 20.77 27.35 -23.55
C THR B 230 19.41 26.69 -23.36
N TYR B 231 18.50 27.04 -24.27
CA TYR B 231 17.13 26.60 -24.27
C TYR B 231 16.83 25.82 -25.56
N GLU B 232 17.82 24.99 -25.96
CA GLU B 232 17.81 24.03 -27.06
C GLU B 232 18.49 22.74 -26.54
N PRO B 233 17.96 21.52 -26.73
CA PRO B 233 16.76 21.16 -27.51
C PRO B 233 15.48 21.50 -26.76
N VAL B 234 14.40 21.46 -27.47
CA VAL B 234 13.10 21.85 -26.98
C VAL B 234 12.38 20.70 -26.36
N ALA B 235 11.95 20.86 -25.11
CA ALA B 235 11.12 19.92 -24.35
C ALA B 235 9.66 20.35 -24.42
N PHE B 236 9.38 21.68 -24.28
CA PHE B 236 8.04 22.26 -24.40
C PHE B 236 8.20 23.60 -25.18
N ARG B 237 7.55 23.76 -26.34
CA ARG B 237 7.78 24.93 -27.19
C ARG B 237 7.34 26.21 -26.52
N PHE B 238 8.10 27.29 -26.74
CA PHE B 238 7.94 28.58 -26.02
C PHE B 238 6.52 29.14 -26.02
N PRO B 239 5.84 29.20 -27.15
CA PRO B 239 4.47 29.76 -27.14
C PRO B 239 3.54 28.96 -26.22
N LEU B 240 3.84 27.66 -25.97
CA LEU B 240 2.99 26.86 -25.10
C LEU B 240 3.09 27.33 -23.63
N GLY B 241 4.17 27.99 -23.23
CA GLY B 241 4.28 28.52 -21.87
C GLY B 241 3.31 29.65 -21.65
N LEU B 242 3.15 30.48 -22.67
CA LEU B 242 2.22 31.60 -22.65
C LEU B 242 0.79 31.10 -22.57
N LYS B 243 0.44 30.08 -23.36
CA LYS B 243 -0.90 29.46 -23.33
C LYS B 243 -1.22 29.00 -21.88
N ASP B 244 -0.23 28.35 -21.23
CA ASP B 244 -0.43 27.82 -19.88
C ASP B 244 -0.55 28.92 -18.82
N ILE B 245 0.31 29.93 -18.83
CA ILE B 245 0.19 30.99 -17.83
C ILE B 245 -1.13 31.77 -18.02
N ASN B 246 -1.60 31.96 -19.24
CA ASN B 246 -2.88 32.61 -19.50
C ASN B 246 -4.04 31.80 -18.98
N LEU B 247 -3.97 30.42 -19.00
CA LEU B 247 -5.03 29.58 -18.40
C LEU B 247 -5.05 29.86 -16.88
N THR B 248 -3.87 29.95 -16.26
CA THR B 248 -3.75 30.24 -14.83
C THR B 248 -4.34 31.61 -14.49
N LEU B 249 -3.97 32.62 -15.25
CA LEU B 249 -4.48 33.96 -15.00
C LEU B 249 -5.98 34.02 -15.16
N GLN B 250 -6.54 33.33 -16.17
CA GLN B 250 -8.00 33.31 -16.33
C GLN B 250 -8.65 32.62 -15.16
N THR B 251 -8.10 31.46 -14.77
CA THR B 251 -8.63 30.67 -13.67
C THR B 251 -8.61 31.49 -12.37
N ALA B 252 -7.50 32.17 -12.10
CA ALA B 252 -7.40 32.96 -10.86
C ALA B 252 -8.37 34.16 -10.91
N SER B 253 -8.42 34.86 -12.06
CA SER B 253 -9.32 36.00 -12.20
C SER B 253 -10.80 35.64 -11.93
N ASP B 254 -11.22 34.47 -12.43
CA ASP B 254 -12.58 33.98 -12.27
C ASP B 254 -12.98 33.73 -10.83
N VAL B 255 -12.01 33.55 -9.92
CA VAL B 255 -12.33 33.40 -8.47
C VAL B 255 -11.75 34.66 -7.70
N ASN B 256 -11.60 35.78 -8.45
CA ASN B 256 -11.11 37.05 -7.89
C ASN B 256 -9.82 36.92 -7.09
N ALA B 257 -8.83 36.31 -7.70
CA ALA B 257 -7.51 36.15 -7.10
C ALA B 257 -6.39 36.71 -8.00
N PRO B 258 -5.78 37.83 -7.62
CA PRO B 258 -4.63 38.30 -8.38
C PRO B 258 -3.44 37.31 -8.28
N MSE B 259 -2.57 37.30 -9.29
CA MSE B 259 -1.37 36.47 -9.32
C MSE B 259 -0.19 37.31 -9.81
O MSE B 259 0.22 37.13 -10.94
CB MSE B 259 -1.55 35.24 -10.28
CG MSE B 259 -2.74 34.34 -10.02
SE MSE B 259 -2.60 33.25 -8.47
CE MSE B 259 -1.67 31.86 -9.39
N PRO B 260 0.36 38.22 -8.97
CA PRO B 260 1.42 39.13 -9.42
C PRO B 260 2.61 38.48 -10.07
N PHE B 261 3.09 37.32 -9.56
CA PHE B 261 4.17 36.61 -10.19
C PHE B 261 3.76 36.13 -11.58
N ALA B 262 2.54 35.63 -11.72
CA ALA B 262 2.10 35.14 -13.04
C ALA B 262 2.07 36.29 -14.11
N ASP B 263 1.79 37.54 -13.71
CA ASP B 263 1.80 38.70 -14.62
C ASP B 263 3.19 38.89 -15.23
N ILE B 264 4.23 38.76 -14.38
CA ILE B 264 5.65 38.86 -14.77
C ILE B 264 5.97 37.74 -15.74
N ILE B 265 5.56 36.49 -15.46
CA ILE B 265 5.81 35.34 -16.33
C ILE B 265 5.17 35.55 -17.67
N ARG B 266 3.89 35.98 -17.68
CA ARG B 266 3.22 36.30 -18.92
C ARG B 266 4.03 37.30 -19.76
N ASN B 267 4.53 38.38 -19.16
CA ASN B 267 5.31 39.40 -19.92
C ASN B 267 6.61 38.84 -20.42
N ARG B 268 7.24 37.87 -19.69
CA ARG B 268 8.46 37.26 -20.22
C ARG B 268 8.19 36.54 -21.56
N PHE B 269 7.09 35.82 -21.68
CA PHE B 269 6.72 35.14 -22.92
C PHE B 269 6.36 36.10 -24.01
N ILE B 270 5.56 37.14 -23.69
CA ILE B 270 5.17 38.13 -24.72
C ILE B 270 6.44 38.82 -25.31
N SER B 271 7.31 39.27 -24.41
CA SER B 271 8.57 39.93 -24.79
C SER B 271 9.48 38.96 -25.53
N GLY B 272 9.52 37.69 -25.10
CA GLY B 272 10.32 36.70 -25.79
C GLY B 272 9.86 36.45 -27.21
N LEU B 273 8.54 36.46 -27.43
CA LEU B 273 8.00 36.34 -28.78
C LEU B 273 8.36 37.59 -29.61
N ALA B 274 8.36 38.77 -29.00
CA ALA B 274 8.80 39.99 -29.71
C ALA B 274 10.28 39.84 -30.13
N LYS B 275 11.06 39.05 -29.36
CA LYS B 275 12.47 38.78 -29.63
C LYS B 275 12.77 37.55 -30.51
N GLY B 276 11.74 36.92 -31.08
CA GLY B 276 11.95 35.80 -32.00
C GLY B 276 12.36 34.52 -31.31
N ARG B 277 11.88 34.30 -30.09
CA ARG B 277 12.21 33.12 -29.30
C ARG B 277 11.17 32.02 -29.37
N GLU B 278 10.23 32.09 -30.32
CA GLU B 278 9.17 31.07 -30.47
C GLU B 278 9.70 29.63 -30.63
N ASN B 279 10.93 29.39 -31.14
CA ASN B 279 11.44 28.03 -31.36
C ASN B 279 12.29 27.55 -30.20
N LEU B 280 12.44 28.32 -29.12
CA LEU B 280 13.23 27.85 -28.00
C LEU B 280 12.34 27.09 -27.04
N ASP B 281 12.93 26.42 -26.04
CA ASP B 281 12.18 25.79 -24.97
C ASP B 281 11.50 26.86 -24.11
N TRP B 282 10.41 26.50 -23.45
CA TRP B 282 9.67 27.42 -22.60
C TRP B 282 10.52 27.94 -21.44
N GLY B 283 11.59 27.21 -21.07
CA GLY B 283 12.56 27.66 -20.09
C GLY B 283 13.20 29.00 -20.44
N ALA B 284 13.21 29.35 -21.76
CA ALA B 284 13.78 30.61 -22.20
C ALA B 284 13.06 31.82 -21.67
N LEU B 285 11.95 31.68 -20.90
CA LEU B 285 11.35 32.83 -20.24
C LEU B 285 12.43 33.49 -19.34
N ALA B 286 13.36 32.66 -18.81
CA ALA B 286 14.44 33.12 -17.92
C ALA B 286 15.44 34.09 -18.60
N LEU B 287 15.46 34.16 -19.96
CA LEU B 287 16.29 35.11 -20.70
C LEU B 287 15.84 36.52 -20.52
N GLY B 288 14.60 36.79 -20.12
CA GLY B 288 14.15 38.17 -19.91
C GLY B 288 14.99 38.94 -18.90
N ALA B 289 15.42 38.27 -17.84
CA ALA B 289 16.24 38.89 -16.78
C ALA B 289 17.59 39.32 -17.37
N SER B 290 18.11 38.54 -18.36
CA SER B 290 19.37 38.81 -19.05
C SER B 290 19.20 40.01 -19.97
N ASP B 291 18.06 40.04 -20.69
CA ASP B 291 17.68 41.17 -21.53
C ASP B 291 17.62 42.47 -20.75
N ASP B 292 16.92 42.47 -19.65
CA ASP B 292 16.76 43.66 -18.79
C ASP B 292 18.02 44.13 -18.17
N ALA B 293 18.97 43.24 -17.94
CA ALA B 293 20.26 43.60 -17.39
C ALA B 293 21.32 43.89 -18.48
N GLY B 294 20.91 44.05 -19.72
CA GLY B 294 21.76 44.40 -20.87
C GLY B 294 22.72 43.34 -21.36
N LEU B 295 22.44 42.05 -21.09
CA LEU B 295 23.35 40.96 -21.46
C LEU B 295 22.97 40.23 -22.75
N THR B 296 22.07 40.76 -23.54
CA THR B 296 21.69 40.08 -24.80
C THR B 296 22.89 40.02 -25.76
N GLU C 6 25.76 12.64 -14.25
CA GLU C 6 24.79 11.88 -15.05
C GLU C 6 23.57 11.46 -14.20
N LYS C 7 22.68 10.63 -14.80
CA LYS C 7 21.51 10.07 -14.12
C LYS C 7 21.96 8.73 -13.54
N ILE C 8 21.65 8.49 -12.25
CA ILE C 8 22.14 7.30 -11.55
C ILE C 8 21.04 6.52 -10.84
N ALA C 9 20.99 5.22 -11.11
CA ALA C 9 20.15 4.30 -10.34
C ALA C 9 20.96 3.90 -9.11
N PHE C 10 20.37 3.95 -7.89
CA PHE C 10 21.03 3.54 -6.67
C PHE C 10 20.18 2.46 -6.04
N LEU C 11 20.69 1.21 -6.04
CA LEU C 11 19.97 0.04 -5.51
C LEU C 11 20.60 -0.41 -4.17
N GLY C 12 19.87 -0.27 -3.06
CA GLY C 12 20.37 -0.63 -1.74
C GLY C 12 20.73 0.57 -0.90
N LEU C 13 20.02 0.79 0.23
CA LEU C 13 20.19 1.98 1.09
C LEU C 13 20.35 1.61 2.57
N GLY C 14 21.18 0.62 2.84
CA GLY C 14 21.49 0.19 4.19
C GLY C 14 22.35 1.23 4.92
N ASN C 15 23.19 0.78 5.86
CA ASN C 15 23.95 1.74 6.63
C ASN C 15 25.13 2.36 5.84
N LEU C 16 25.56 1.79 4.67
CA LEU C 16 26.58 2.43 3.80
C LEU C 16 25.93 3.10 2.57
N GLY C 17 24.90 2.49 2.00
CA GLY C 17 24.22 3.01 0.84
C GLY C 17 23.58 4.37 1.05
N THR C 18 22.94 4.60 2.20
CA THR C 18 22.26 5.88 2.52
C THR C 18 23.27 7.04 2.53
N PRO C 19 24.35 7.00 3.32
CA PRO C 19 25.30 8.13 3.30
C PRO C 19 26.05 8.28 1.95
N ILE C 20 26.19 7.22 1.17
CA ILE C 20 26.85 7.36 -0.13
C ILE C 20 25.90 8.12 -1.05
N ALA C 21 24.60 7.70 -1.09
CA ALA C 21 23.61 8.35 -1.92
C ALA C 21 23.41 9.82 -1.53
N GLU C 22 23.44 10.12 -0.22
CA GLU C 22 23.32 11.50 0.28
C GLU C 22 24.44 12.36 -0.31
N ILE C 23 25.67 11.85 -0.25
CA ILE C 23 26.82 12.60 -0.77
C ILE C 23 26.66 12.76 -2.30
N LEU C 24 26.22 11.73 -3.01
CA LEU C 24 26.07 11.91 -4.46
C LEU C 24 25.00 12.97 -4.78
N LEU C 25 23.87 13.00 -4.05
CA LEU C 25 22.83 14.00 -4.27
C LEU C 25 23.35 15.39 -3.93
N GLU C 26 24.08 15.52 -2.81
CA GLU C 26 24.72 16.79 -2.40
C GLU C 26 25.76 17.26 -3.45
N ALA C 27 26.39 16.33 -4.17
CA ALA C 27 27.37 16.67 -5.22
C ALA C 27 26.69 17.04 -6.55
N GLY C 28 25.36 16.90 -6.66
CA GLY C 28 24.59 17.32 -7.83
C GLY C 28 24.19 16.23 -8.78
N TYR C 29 24.41 14.97 -8.42
CA TYR C 29 24.03 13.86 -9.27
C TYR C 29 22.50 13.62 -9.15
N GLU C 30 21.90 13.15 -10.25
CA GLU C 30 20.47 12.82 -10.24
C GLU C 30 20.32 11.33 -9.91
N LEU C 31 19.65 10.99 -8.79
CA LEU C 31 19.48 9.61 -8.38
C LEU C 31 18.02 9.14 -8.40
N VAL C 32 17.79 7.95 -8.97
CA VAL C 32 16.54 7.19 -8.85
C VAL C 32 16.94 6.04 -7.89
N VAL C 33 16.32 5.96 -6.72
CA VAL C 33 16.74 5.05 -5.67
C VAL C 33 15.71 3.95 -5.43
N TRP C 34 16.23 2.81 -4.97
CA TRP C 34 15.45 1.62 -4.62
C TRP C 34 16.08 0.96 -3.41
N ASN C 35 15.24 0.50 -2.51
CA ASN C 35 15.64 -0.33 -1.38
C ASN C 35 14.53 -1.30 -1.15
N ARG C 36 14.81 -2.47 -0.56
CA ARG C 36 13.76 -3.43 -0.26
C ARG C 36 12.70 -2.73 0.66
N THR C 37 13.17 -2.07 1.72
CA THR C 37 12.36 -1.28 2.66
C THR C 37 12.31 0.18 2.15
N ALA C 38 11.12 0.71 1.85
CA ALA C 38 10.98 2.09 1.37
C ALA C 38 11.25 3.16 2.46
N SER C 39 11.22 2.79 3.76
CA SER C 39 11.47 3.70 4.88
C SER C 39 12.90 4.27 4.89
N LYS C 40 13.92 3.48 4.49
CA LYS C 40 15.31 3.94 4.45
C LYS C 40 15.56 4.97 3.31
N ALA C 41 14.62 5.10 2.34
CA ALA C 41 14.72 6.08 1.27
C ALA C 41 14.19 7.48 1.68
N GLU C 42 13.55 7.62 2.87
CA GLU C 42 13.04 8.90 3.39
C GLU C 42 14.17 9.96 3.51
N PRO C 43 15.30 9.71 4.20
CA PRO C 43 16.37 10.73 4.23
C PRO C 43 17.00 11.10 2.86
N LEU C 44 16.54 10.51 1.71
CA LEU C 44 17.00 10.84 0.36
C LEU C 44 15.99 11.63 -0.47
N THR C 45 14.70 11.46 -0.23
CA THR C 45 13.68 12.19 -1.01
C THR C 45 13.74 13.73 -0.75
N LYS C 46 14.18 14.14 0.45
CA LYS C 46 14.32 15.56 0.81
C LYS C 46 15.52 16.21 0.07
N LEU C 47 16.49 15.38 -0.32
CA LEU C 47 17.69 15.77 -1.06
C LEU C 47 17.52 15.69 -2.58
N GLY C 48 16.31 15.41 -3.07
CA GLY C 48 16.04 15.37 -4.51
C GLY C 48 15.92 14.01 -5.17
N ALA C 49 16.16 12.90 -4.43
CA ALA C 49 16.02 11.56 -5.02
C ALA C 49 14.58 11.21 -5.29
N THR C 50 14.35 10.41 -6.32
CA THR C 50 13.04 9.82 -6.59
C THR C 50 13.16 8.36 -6.15
N VAL C 51 12.17 7.84 -5.39
CA VAL C 51 12.14 6.45 -4.91
C VAL C 51 11.16 5.65 -5.77
N VAL C 52 11.47 4.36 -6.01
CA VAL C 52 10.62 3.44 -6.77
C VAL C 52 10.51 2.08 -6.03
N GLU C 53 9.38 1.37 -6.16
CA GLU C 53 9.19 0.05 -5.52
C GLU C 53 9.85 -1.05 -6.32
N ASN C 54 9.91 -0.89 -7.66
CA ASN C 54 10.52 -1.86 -8.58
C ASN C 54 11.89 -1.34 -9.09
N ALA C 55 12.99 -2.08 -8.86
CA ALA C 55 14.37 -1.71 -9.24
C ALA C 55 14.58 -1.59 -10.75
N ILE C 56 13.84 -2.33 -11.57
CA ILE C 56 13.99 -2.23 -13.04
C ILE C 56 13.59 -0.80 -13.54
N ASP C 57 12.63 -0.12 -12.84
CA ASP C 57 12.16 1.22 -13.20
C ASP C 57 13.22 2.29 -12.95
N ALA C 58 14.14 2.01 -12.00
CA ALA C 58 15.23 2.93 -11.68
C ALA C 58 16.29 2.92 -12.76
N ILE C 59 16.43 1.82 -13.49
CA ILE C 59 17.49 1.66 -14.48
C ILE C 59 17.20 2.47 -15.69
N THR C 60 18.24 3.07 -16.23
CA THR C 60 18.21 3.87 -17.42
C THR C 60 19.07 3.17 -18.45
N PRO C 61 18.57 2.82 -19.66
CA PRO C 61 19.46 2.21 -20.66
C PRO C 61 20.71 3.05 -20.91
N GLY C 62 21.87 2.38 -20.88
CA GLY C 62 23.15 3.03 -21.09
C GLY C 62 23.65 3.84 -19.90
N GLY C 63 22.86 3.87 -18.82
CA GLY C 63 23.19 4.62 -17.62
C GLY C 63 24.13 3.92 -16.65
N ILE C 64 24.17 4.48 -15.45
CA ILE C 64 25.02 4.03 -14.36
C ILE C 64 24.12 3.54 -13.29
N VAL C 65 24.45 2.39 -12.74
CA VAL C 65 23.71 1.87 -11.60
C VAL C 65 24.70 1.51 -10.51
N PHE C 66 24.41 1.96 -9.30
CA PHE C 66 25.20 1.60 -8.10
C PHE C 66 24.37 0.58 -7.32
N SER C 67 25.01 -0.47 -6.80
CA SER C 67 24.31 -1.39 -5.91
C SER C 67 25.14 -1.62 -4.65
N VAL C 68 24.47 -1.63 -3.49
CA VAL C 68 25.05 -1.96 -2.18
C VAL C 68 24.03 -2.83 -1.48
N LEU C 69 24.24 -4.14 -1.51
CA LEU C 69 23.34 -5.16 -0.97
C LEU C 69 24.07 -6.09 0.02
N ALA C 70 23.32 -6.92 0.75
CA ALA C 70 23.90 -7.70 1.86
C ALA C 70 24.84 -8.82 1.43
N ASP C 71 24.48 -9.57 0.37
CA ASP C 71 25.25 -10.74 0.01
C ASP C 71 25.15 -11.08 -1.47
N ASP C 72 25.85 -12.16 -1.88
CA ASP C 72 25.90 -12.67 -3.24
C ASP C 72 24.54 -12.96 -3.82
N ALA C 73 23.66 -13.59 -3.04
CA ALA C 73 22.33 -13.99 -3.54
C ALA C 73 21.48 -12.76 -3.81
N ALA C 74 21.52 -11.78 -2.88
CA ALA C 74 20.79 -10.53 -3.04
C ALA C 74 21.23 -9.83 -4.33
N VAL C 75 22.54 -9.87 -4.64
CA VAL C 75 23.03 -9.28 -5.89
C VAL C 75 22.60 -10.13 -7.10
N GLU C 76 22.84 -11.45 -7.07
CA GLU C 76 22.51 -12.32 -8.21
C GLU C 76 21.03 -12.31 -8.56
N GLU C 77 20.16 -12.29 -7.56
CA GLU C 77 18.71 -12.32 -7.79
C GLU C 77 18.22 -11.03 -8.39
N LEU C 78 18.75 -9.89 -7.91
CA LEU C 78 18.33 -8.56 -8.36
C LEU C 78 18.81 -8.30 -9.78
N PHE C 79 20.07 -8.63 -10.06
CA PHE C 79 20.66 -8.46 -11.40
C PHE C 79 20.38 -9.70 -12.25
N SER C 80 19.10 -9.91 -12.50
CA SER C 80 18.64 -11.00 -13.34
C SER C 80 18.87 -10.62 -14.80
N MSE C 81 18.64 -11.57 -15.70
CA MSE C 81 18.79 -11.38 -17.14
C MSE C 81 17.93 -10.18 -17.65
O MSE C 81 18.35 -9.47 -18.55
CB MSE C 81 18.38 -12.70 -17.83
CG MSE C 81 18.71 -12.78 -19.29
SE MSE C 81 18.04 -14.48 -20.06
CE MSE C 81 16.13 -13.98 -20.31
N GLU C 82 16.76 -9.94 -17.02
CA GLU C 82 15.84 -8.84 -17.39
C GLU C 82 16.40 -7.48 -16.98
N LEU C 83 16.89 -7.35 -15.73
CA LEU C 83 17.48 -6.10 -15.22
C LEU C 83 18.69 -5.70 -16.07
N VAL C 84 19.59 -6.66 -16.31
CA VAL C 84 20.85 -6.41 -17.04
C VAL C 84 20.57 -6.04 -18.51
N GLU C 85 19.54 -6.63 -19.12
CA GLU C 85 19.17 -6.30 -20.49
C GLU C 85 18.70 -4.83 -20.60
N LYS C 86 17.95 -4.34 -19.59
CA LYS C 86 17.48 -2.95 -19.59
C LYS C 86 18.66 -1.98 -19.43
N LEU C 87 19.68 -2.31 -18.59
CA LEU C 87 20.87 -1.47 -18.46
C LEU C 87 21.55 -1.39 -19.81
N GLY C 88 21.67 -2.55 -20.45
CA GLY C 88 22.12 -2.71 -21.83
C GLY C 88 23.39 -2.04 -22.28
N LYS C 89 23.50 -1.87 -23.60
CA LYS C 89 24.65 -1.33 -24.33
C LYS C 89 25.24 -0.05 -23.71
N ASP C 90 26.54 -0.10 -23.41
CA ASP C 90 27.35 0.95 -22.78
C ASP C 90 26.95 1.27 -21.31
N GLY C 91 26.02 0.52 -20.73
CA GLY C 91 25.62 0.72 -19.34
C GLY C 91 26.72 0.30 -18.39
N VAL C 92 26.78 0.91 -17.20
CA VAL C 92 27.82 0.59 -16.21
C VAL C 92 27.21 0.28 -14.86
N HIS C 93 27.58 -0.87 -14.27
CA HIS C 93 27.10 -1.29 -12.94
C HIS C 93 28.27 -1.24 -11.96
N VAL C 94 28.19 -0.35 -10.98
CA VAL C 94 29.21 -0.18 -9.94
C VAL C 94 28.70 -1.02 -8.77
N SER C 95 29.28 -2.22 -8.61
CA SER C 95 28.85 -3.22 -7.63
C SER C 95 29.69 -3.16 -6.35
N MSE C 96 29.11 -2.57 -5.32
CA MSE C 96 29.80 -2.30 -4.07
C MSE C 96 29.58 -3.28 -2.96
O MSE C 96 30.25 -3.17 -1.94
CB MSE C 96 29.45 -0.91 -3.57
CG MSE C 96 29.85 0.19 -4.59
SE MSE C 96 29.59 1.99 -3.91
CE MSE C 96 30.76 1.91 -2.50
N SER C 97 28.76 -4.29 -3.20
CA SER C 97 28.51 -5.33 -2.20
C SER C 97 29.72 -6.22 -1.94
N THR C 98 29.80 -6.74 -0.68
CA THR C 98 30.86 -7.64 -0.27
C THR C 98 30.45 -9.01 -0.72
N ILE C 99 30.85 -9.40 -1.93
CA ILE C 99 30.51 -10.69 -2.53
C ILE C 99 31.77 -11.42 -2.96
N SER C 100 31.64 -12.68 -3.38
CA SER C 100 32.81 -13.46 -3.79
C SER C 100 33.27 -13.03 -5.20
N PRO C 101 34.57 -13.15 -5.48
CA PRO C 101 35.08 -12.88 -6.83
C PRO C 101 34.34 -13.69 -7.90
N GLU C 102 33.91 -14.91 -7.58
CA GLU C 102 33.21 -15.77 -8.53
C GLU C 102 31.88 -15.17 -8.90
N THR C 103 31.12 -14.70 -7.92
CA THR C 103 29.84 -14.06 -8.23
C THR C 103 30.05 -12.84 -9.12
N SER C 104 31.09 -12.03 -8.83
CA SER C 104 31.40 -10.85 -9.63
C SER C 104 31.77 -11.21 -11.07
N ARG C 105 32.63 -12.24 -11.24
CA ARG C 105 33.09 -12.72 -12.54
C ARG C 105 31.92 -13.26 -13.38
N GLN C 106 30.98 -14.00 -12.76
CA GLN C 106 29.79 -14.53 -13.43
C GLN C 106 28.87 -13.41 -13.87
N LEU C 107 28.58 -12.47 -12.97
CA LEU C 107 27.75 -11.30 -13.29
C LEU C 107 28.38 -10.46 -14.37
N ALA C 108 29.70 -10.28 -14.34
CA ALA C 108 30.34 -9.49 -15.39
C ALA C 108 30.16 -10.13 -16.80
N GLN C 109 30.14 -11.47 -16.92
CA GLN C 109 29.96 -12.19 -18.22
C GLN C 109 28.57 -11.88 -18.82
N VAL C 110 27.56 -11.81 -17.93
CA VAL C 110 26.16 -11.51 -18.20
C VAL C 110 26.04 -10.04 -18.63
N HIS C 111 26.76 -9.12 -17.98
CA HIS C 111 26.72 -7.71 -18.36
C HIS C 111 27.35 -7.53 -19.76
N GLU C 112 28.50 -8.17 -20.01
CA GLU C 112 29.22 -8.08 -21.30
C GLU C 112 28.36 -8.65 -22.45
N TRP C 113 27.63 -9.75 -22.18
CA TRP C 113 26.72 -10.37 -23.15
C TRP C 113 25.71 -9.34 -23.72
N TYR C 114 25.24 -8.40 -22.86
CA TYR C 114 24.29 -7.35 -23.28
C TYR C 114 24.97 -5.97 -23.59
N GLY C 115 26.30 -5.96 -23.76
CA GLY C 115 27.05 -4.73 -24.03
C GLY C 115 27.28 -3.82 -22.84
N ALA C 116 26.90 -4.25 -21.63
CA ALA C 116 27.08 -3.48 -20.40
C ALA C 116 28.41 -3.83 -19.75
N HIS C 117 28.82 -3.06 -18.73
CA HIS C 117 30.08 -3.34 -18.04
C HIS C 117 29.85 -3.45 -16.54
N TYR C 118 30.48 -4.43 -15.92
CA TYR C 118 30.39 -4.62 -14.49
C TYR C 118 31.71 -4.19 -13.83
N VAL C 119 31.63 -3.29 -12.87
CA VAL C 119 32.80 -2.85 -12.10
C VAL C 119 32.63 -3.30 -10.63
N GLY C 120 33.53 -4.16 -10.16
CA GLY C 120 33.58 -4.54 -8.77
C GLY C 120 34.19 -3.39 -8.03
N ALA C 121 33.47 -2.88 -7.05
CA ALA C 121 33.83 -1.66 -6.35
C ALA C 121 33.51 -1.73 -4.84
N PRO C 122 33.98 -2.79 -4.16
CA PRO C 122 33.76 -2.86 -2.72
C PRO C 122 34.42 -1.69 -2.00
N ILE C 123 33.78 -1.27 -0.89
CA ILE C 123 34.20 -0.12 -0.13
C ILE C 123 34.70 -0.54 1.26
N PHE C 124 35.73 0.18 1.70
CA PHE C 124 36.40 0.05 2.97
C PHE C 124 36.01 1.30 3.75
N ALA C 125 34.94 1.23 4.48
CA ALA C 125 34.49 2.44 5.21
C ALA C 125 33.41 2.10 6.16
N ARG C 126 33.49 2.58 7.40
CA ARG C 126 32.35 2.48 8.32
C ARG C 126 31.41 3.63 7.91
N PRO C 127 30.10 3.60 8.23
CA PRO C 127 29.22 4.72 7.83
C PRO C 127 29.80 6.10 8.13
N GLU C 128 30.44 6.25 9.32
CA GLU C 128 31.13 7.46 9.78
C GLU C 128 32.20 7.92 8.76
N ALA C 129 33.03 6.98 8.29
CA ALA C 129 34.07 7.27 7.30
C ALA C 129 33.45 7.75 5.97
N VAL C 130 32.27 7.21 5.59
CA VAL C 130 31.61 7.67 4.36
C VAL C 130 31.20 9.11 4.57
N ARG C 131 30.52 9.42 5.70
CA ARG C 131 30.07 10.77 5.99
C ARG C 131 31.26 11.71 6.03
N ALA C 132 32.38 11.28 6.62
CA ALA C 132 33.60 12.08 6.71
C ALA C 132 34.39 12.04 5.40
N LYS C 133 34.09 11.10 4.48
CA LYS C 133 34.78 10.95 3.17
C LYS C 133 36.27 10.55 3.33
N VAL C 134 36.61 9.77 4.39
CA VAL C 134 37.99 9.34 4.65
C VAL C 134 38.19 7.83 4.32
N GLY C 135 37.20 7.20 3.72
CA GLY C 135 37.24 5.79 3.36
C GLY C 135 38.02 5.52 2.09
N ASN C 136 38.02 4.26 1.66
CA ASN C 136 38.73 3.88 0.46
C ASN C 136 37.91 2.93 -0.36
N ILE C 137 38.20 2.85 -1.65
CA ILE C 137 37.47 1.97 -2.53
C ILE C 137 38.43 1.29 -3.47
N CYS C 138 38.14 0.04 -3.79
CA CYS C 138 38.93 -0.77 -4.74
C CYS C 138 38.08 -1.01 -5.96
N LEU C 139 38.64 -0.86 -7.14
CA LEU C 139 37.91 -1.03 -8.40
C LEU C 139 38.57 -2.01 -9.30
N SER C 140 37.79 -2.85 -9.96
CA SER C 140 38.34 -3.74 -10.97
C SER C 140 37.26 -4.00 -12.01
N GLY C 141 37.70 -4.25 -13.24
CA GLY C 141 36.76 -4.43 -14.35
C GLY C 141 37.18 -3.63 -15.57
N ASN C 142 36.25 -3.40 -16.51
CA ASN C 142 36.54 -2.71 -17.75
C ASN C 142 37.17 -1.31 -17.51
N ALA C 143 38.29 -1.01 -18.18
CA ALA C 143 39.01 0.26 -18.04
C ALA C 143 38.13 1.49 -18.26
N GLY C 144 37.41 1.50 -19.39
CA GLY C 144 36.50 2.58 -19.77
C GLY C 144 35.39 2.77 -18.76
N ALA C 145 34.80 1.65 -18.26
CA ALA C 145 33.78 1.74 -17.23
C ALA C 145 34.34 2.35 -15.95
N LYS C 146 35.53 1.93 -15.54
CA LYS C 146 36.15 2.50 -14.32
C LYS C 146 36.46 3.98 -14.49
N GLU C 147 36.98 4.43 -15.65
CA GLU C 147 37.25 5.85 -15.84
C GLU C 147 35.94 6.68 -15.86
N ARG C 148 34.83 6.09 -16.31
CA ARG C 148 33.58 6.81 -16.32
C ARG C 148 33.04 7.07 -14.88
N ILE C 149 33.26 6.13 -13.96
CA ILE C 149 32.68 6.25 -12.62
C ILE C 149 33.69 6.71 -11.57
N LYS C 150 34.99 6.76 -11.90
CA LYS C 150 35.98 7.16 -10.91
C LYS C 150 35.71 8.60 -10.38
N PRO C 151 35.36 9.59 -11.25
CA PRO C 151 35.04 10.94 -10.75
C PRO C 151 33.83 10.95 -9.80
N ILE C 152 32.90 10.03 -10.02
CA ILE C 152 31.70 9.89 -9.19
C ILE C 152 32.07 9.36 -7.76
N VAL C 153 32.84 8.28 -7.66
CA VAL C 153 33.20 7.68 -6.36
C VAL C 153 34.15 8.56 -5.56
N GLU C 154 34.95 9.36 -6.25
CA GLU C 154 35.86 10.31 -5.63
C GLU C 154 35.11 11.26 -4.71
N ASN C 155 33.79 11.45 -4.93
CA ASN C 155 33.01 12.35 -4.04
C ASN C 155 32.83 11.79 -2.64
N PHE C 156 32.95 10.48 -2.41
CA PHE C 156 32.70 9.89 -1.08
C PHE C 156 33.86 9.05 -0.53
N VAL C 157 35.05 9.07 -1.15
CA VAL C 157 36.21 8.39 -0.60
C VAL C 157 37.43 9.28 -0.70
N LYS C 158 38.46 8.93 0.03
CA LYS C 158 39.75 9.56 -0.10
C LYS C 158 40.49 8.83 -1.25
N GLY C 159 40.77 7.55 -1.03
CA GLY C 159 41.54 6.75 -1.96
C GLY C 159 40.76 5.88 -2.90
N VAL C 160 41.26 5.76 -4.12
CA VAL C 160 40.68 4.94 -5.14
C VAL C 160 41.81 4.02 -5.62
N PHE C 161 41.67 2.71 -5.47
CA PHE C 161 42.69 1.72 -5.85
C PHE C 161 42.21 0.85 -7.02
N ASP C 162 42.97 0.85 -8.09
CA ASP C 162 42.63 0.14 -9.30
C ASP C 162 43.36 -1.22 -9.34
N PHE C 163 42.59 -2.31 -9.34
CA PHE C 163 43.16 -3.67 -9.36
C PHE C 163 43.02 -4.34 -10.72
N GLY C 164 42.88 -3.58 -11.78
CA GLY C 164 42.88 -4.12 -13.14
C GLY C 164 41.56 -4.61 -13.71
N ASP C 165 41.64 -5.39 -14.80
CA ASP C 165 40.46 -5.79 -15.55
C ASP C 165 39.69 -6.98 -15.02
N ASP C 166 40.20 -7.75 -14.07
CA ASP C 166 39.46 -8.88 -13.55
C ASP C 166 38.32 -8.30 -12.69
N PRO C 167 37.06 -8.53 -13.06
CA PRO C 167 35.94 -7.96 -12.27
C PRO C 167 35.83 -8.43 -10.79
N GLY C 168 36.41 -9.57 -10.44
CA GLY C 168 36.40 -10.10 -9.08
C GLY C 168 37.64 -9.77 -8.27
N ALA C 169 38.64 -9.14 -8.88
CA ALA C 169 39.91 -8.87 -8.19
C ALA C 169 39.70 -7.98 -6.99
N ALA C 170 38.92 -6.89 -7.11
CA ALA C 170 38.71 -5.96 -5.98
C ALA C 170 37.97 -6.65 -4.85
N ASN C 171 37.09 -7.60 -5.16
CA ASN C 171 36.40 -8.39 -4.12
C ASN C 171 37.39 -9.20 -3.27
N VAL C 172 38.46 -9.67 -3.88
CA VAL C 172 39.51 -10.42 -3.18
C VAL C 172 40.14 -9.54 -2.15
N ILE C 173 40.40 -8.26 -2.51
CA ILE C 173 41.03 -7.34 -1.57
C ILE C 173 40.10 -7.06 -0.43
N LYS C 174 38.82 -6.87 -0.72
CA LYS C 174 37.86 -6.56 0.34
C LYS C 174 37.78 -7.72 1.32
N LEU C 175 37.74 -8.95 0.81
CA LEU C 175 37.68 -10.16 1.64
C LEU C 175 38.96 -10.30 2.46
N ALA C 176 40.12 -10.11 1.82
CA ALA C 176 41.40 -10.10 2.56
C ALA C 176 41.44 -9.06 3.64
N GLY C 177 40.93 -7.86 3.36
CA GLY C 177 40.90 -6.79 4.34
C GLY C 177 40.02 -7.19 5.52
N ASN C 178 38.80 -7.67 5.26
CA ASN C 178 37.87 -8.06 6.33
C ASN C 178 38.42 -9.21 7.15
N PHE C 179 39.14 -10.14 6.50
CA PHE C 179 39.79 -11.27 7.20
C PHE C 179 40.84 -10.73 8.19
N MSE C 180 41.63 -9.78 7.75
CA MSE C 180 42.67 -9.20 8.62
C MSE C 180 42.09 -8.41 9.77
O MSE C 180 42.65 -8.46 10.87
CB MSE C 180 43.61 -8.37 7.82
CG MSE C 180 44.52 -9.23 6.94
SE MSE C 180 45.73 -8.23 5.81
CE MSE C 180 46.66 -7.31 7.14
N ILE C 181 40.93 -7.79 9.57
CA ILE C 181 40.28 -7.07 10.66
C ILE C 181 39.82 -8.12 11.70
N ALA C 182 39.19 -9.20 11.22
CA ALA C 182 38.72 -10.28 12.11
C ALA C 182 39.92 -10.90 12.84
N CYS C 183 41.05 -11.12 12.15
CA CYS C 183 42.28 -11.59 12.83
C CYS C 183 42.76 -10.61 13.88
N SER C 184 42.68 -9.30 13.61
CA SER C 184 43.14 -8.30 14.57
C SER C 184 42.30 -8.36 15.85
N LEU C 185 41.01 -8.56 15.69
CA LEU C 185 40.10 -8.70 16.83
C LEU C 185 40.45 -9.95 17.66
N GLU C 186 40.70 -11.07 17.00
CA GLU C 186 41.02 -12.33 17.66
C GLU C 186 42.37 -12.23 18.35
N MSE C 187 43.40 -11.65 17.68
CA MSE C 187 44.71 -11.59 18.33
C MSE C 187 44.66 -10.65 19.55
O MSE C 187 45.35 -10.88 20.54
CB MSE C 187 45.83 -11.17 17.35
CG MSE C 187 45.92 -9.69 17.03
SE MSE C 187 47.38 -9.39 15.81
CE MSE C 187 47.13 -7.74 15.30
N MSE C 188 43.86 -9.61 19.48
CA MSE C 188 43.65 -8.71 20.62
C MSE C 188 42.86 -9.42 21.72
O MSE C 188 43.20 -9.27 22.90
CB MSE C 188 42.97 -7.42 20.19
CG MSE C 188 43.98 -6.48 19.56
SE MSE C 188 43.35 -4.68 19.19
CE MSE C 188 41.92 -4.96 17.99
N GLY C 189 41.87 -10.24 21.36
CA GLY C 189 41.15 -11.01 22.37
C GLY C 189 42.07 -11.97 23.10
N GLU C 190 42.92 -12.68 22.33
CA GLU C 190 43.89 -13.61 22.91
C GLU C 190 44.93 -12.89 23.74
N ALA C 191 45.56 -11.83 23.18
CA ALA C 191 46.63 -11.07 23.87
C ALA C 191 46.14 -10.36 25.15
N PHE C 192 44.97 -9.75 25.06
CA PHE C 192 44.41 -8.99 26.18
C PHE C 192 43.94 -9.88 27.28
N THR C 193 43.46 -11.08 26.92
CA THR C 193 43.00 -12.07 27.88
C THR C 193 44.20 -12.68 28.58
N MSE C 194 45.28 -12.95 27.88
CA MSE C 194 46.47 -13.44 28.53
C MSE C 194 46.98 -12.44 29.55
O MSE C 194 47.39 -12.83 30.63
CB MSE C 194 47.59 -13.74 27.48
CG MSE C 194 49.06 -13.91 28.14
SE MSE C 194 50.44 -14.46 26.96
CE MSE C 194 50.64 -12.98 26.11
N ALA C 195 47.03 -11.17 29.16
CA ALA C 195 47.51 -10.10 30.02
C ALA C 195 46.60 -9.98 31.26
N GLU C 196 45.30 -10.01 31.05
CA GLU C 196 44.32 -9.92 32.12
C GLU C 196 44.49 -11.02 33.15
N LYS C 197 44.61 -12.27 32.70
CA LYS C 197 44.76 -13.38 33.65
C LYS C 197 46.17 -13.35 34.31
N ASN C 198 47.12 -12.58 33.76
CA ASN C 198 48.42 -12.38 34.40
C ASN C 198 48.39 -11.11 35.29
N GLY C 199 47.22 -10.52 35.55
CA GLY C 199 47.09 -9.37 36.45
C GLY C 199 47.21 -8.00 35.85
N ILE C 200 47.24 -7.87 34.52
CA ILE C 200 47.43 -6.60 33.85
C ILE C 200 46.12 -6.14 33.27
N SER C 201 45.79 -4.85 33.37
CA SER C 201 44.52 -4.41 32.81
C SER C 201 44.55 -4.54 31.30
N ARG C 202 43.42 -4.95 30.72
CA ARG C 202 43.26 -5.00 29.27
C ARG C 202 43.44 -3.58 28.68
N GLN C 203 43.10 -2.54 29.45
CA GLN C 203 43.29 -1.13 29.03
C GLN C 203 44.76 -0.75 28.87
N SER C 204 45.59 -1.06 29.86
CA SER C 204 47.03 -0.73 29.85
C SER C 204 47.76 -1.40 28.69
N ILE C 205 47.49 -2.68 28.44
CA ILE C 205 48.11 -3.38 27.29
C ILE C 205 47.58 -2.76 25.99
N TYR C 206 46.31 -2.48 25.96
CA TYR C 206 45.67 -1.87 24.77
C TYR C 206 46.31 -0.47 24.45
N GLU C 207 46.42 0.42 25.45
CA GLU C 207 47.01 1.75 25.27
C GLU C 207 48.46 1.71 24.84
N MSE C 208 49.32 0.82 25.42
CA MSE C 208 50.71 0.79 24.98
C MSE C 208 50.79 0.21 23.57
O MSE C 208 51.37 0.84 22.71
CB MSE C 208 51.70 0.09 26.00
CG MSE C 208 52.16 -1.30 25.71
SE MSE C 208 53.49 -1.59 24.36
CE MSE C 208 54.83 -0.53 24.66
N LEU C 209 50.18 -0.94 23.31
CA LEU C 209 50.37 -1.51 21.97
C LEU C 209 49.75 -0.71 20.84
N THR C 210 48.56 -0.14 21.04
CA THR C 210 47.91 0.59 19.95
C THR C 210 48.36 2.06 19.85
N SER C 211 49.20 2.56 20.77
CA SER C 211 49.74 3.91 20.61
C SER C 211 51.16 3.81 20.00
N THR C 212 51.68 2.60 19.75
CA THR C 212 53.04 2.44 19.21
C THR C 212 53.04 1.47 18.00
N LEU C 213 53.24 0.16 18.26
CA LEU C 213 53.36 -0.88 17.23
C LEU C 213 52.14 -0.97 16.35
N PHE C 214 50.96 -0.87 16.95
CA PHE C 214 49.70 -1.07 16.23
C PHE C 214 48.92 0.24 16.19
N ALA C 215 49.62 1.37 15.96
CA ALA C 215 49.00 2.70 15.89
C ALA C 215 48.28 2.92 14.56
N ALA C 216 47.02 2.50 14.50
CA ALA C 216 46.12 2.78 13.37
C ALA C 216 44.67 2.74 13.87
N PRO C 217 43.73 3.58 13.31
CA PRO C 217 42.36 3.59 13.83
C PRO C 217 41.72 2.22 14.04
N ILE C 218 41.98 1.24 13.16
CA ILE C 218 41.38 -0.08 13.26
C ILE C 218 41.69 -0.71 14.64
N PHE C 219 42.94 -0.61 15.09
CA PHE C 219 43.37 -1.12 16.38
C PHE C 219 42.96 -0.18 17.47
N GLN C 220 43.00 1.13 17.24
CA GLN C 220 42.62 2.08 18.28
C GLN C 220 41.11 1.97 18.55
N ASN C 221 40.31 1.92 17.49
CA ASN C 221 38.85 1.83 17.61
C ASN C 221 38.39 0.44 18.05
N TYR C 222 38.77 -0.63 17.32
CA TYR C 222 38.37 -1.98 17.74
C TYR C 222 39.04 -2.41 19.05
N GLY C 223 40.30 -2.04 19.25
CA GLY C 223 41.00 -2.41 20.48
C GLY C 223 40.32 -1.90 21.73
N LYS C 224 39.77 -0.68 21.68
CA LYS C 224 38.98 -0.12 22.80
C LYS C 224 37.77 -1.05 23.13
N LEU C 225 37.04 -1.55 22.13
CA LEU C 225 35.92 -2.48 22.35
C LEU C 225 36.41 -3.78 22.97
N VAL C 226 37.49 -4.34 22.43
CA VAL C 226 38.06 -5.56 22.95
C VAL C 226 38.58 -5.35 24.39
N ALA C 227 39.21 -4.21 24.66
CA ALA C 227 39.76 -3.91 25.98
C ALA C 227 38.66 -3.83 27.01
N SER C 228 37.54 -3.18 26.66
CA SER C 228 36.39 -3.04 27.56
C SER C 228 35.36 -4.19 27.41
N ASN C 229 35.52 -5.03 26.39
CA ASN C 229 34.61 -6.14 26.07
C ASN C 229 33.13 -5.61 25.86
N THR C 230 32.98 -4.37 25.28
CA THR C 230 31.72 -3.71 24.98
C THR C 230 31.44 -3.88 23.48
N TYR C 231 30.40 -4.66 23.10
CA TYR C 231 30.12 -4.97 21.69
C TYR C 231 28.71 -4.53 21.25
N GLU C 232 28.25 -3.45 21.88
CA GLU C 232 26.99 -2.74 21.64
C GLU C 232 27.36 -1.25 21.71
N PRO C 233 26.88 -0.38 20.79
CA PRO C 233 25.95 -0.63 19.68
C PRO C 233 26.60 -1.40 18.52
N VAL C 234 25.75 -1.86 17.63
CA VAL C 234 26.11 -2.69 16.50
C VAL C 234 26.37 -1.86 15.26
N ALA C 235 27.51 -2.11 14.61
CA ALA C 235 27.88 -1.52 13.32
C ALA C 235 27.77 -2.58 12.24
N PHE C 236 28.19 -3.83 12.55
CA PHE C 236 28.11 -4.93 11.60
C PHE C 236 27.63 -6.11 12.44
N ARG C 237 26.35 -6.52 12.23
CA ARG C 237 25.67 -7.55 13.03
C ARG C 237 26.46 -8.89 13.04
N PHE C 238 26.55 -9.53 14.19
CA PHE C 238 27.31 -10.77 14.41
C PHE C 238 27.17 -11.84 13.31
N PRO C 239 25.96 -12.24 12.86
CA PRO C 239 25.89 -13.29 11.83
C PRO C 239 26.53 -12.89 10.49
N LEU C 240 26.64 -11.56 10.20
CA LEU C 240 27.23 -11.06 8.97
C LEU C 240 28.74 -11.30 8.98
N GLY C 241 29.32 -11.43 10.17
CA GLY C 241 30.73 -11.76 10.30
C GLY C 241 31.00 -13.18 9.89
N LEU C 242 30.09 -14.08 10.24
CA LEU C 242 30.22 -15.47 9.80
C LEU C 242 30.03 -15.52 8.28
N LYS C 243 29.07 -14.75 7.73
CA LYS C 243 28.86 -14.74 6.28
C LYS C 243 30.13 -14.29 5.58
N ASP C 244 30.74 -13.22 6.00
CA ASP C 244 31.98 -12.76 5.36
C ASP C 244 33.14 -13.74 5.50
N ILE C 245 33.36 -14.33 6.67
CA ILE C 245 34.53 -15.25 6.81
C ILE C 245 34.31 -16.53 5.98
N ASN C 246 33.05 -16.93 5.82
CA ASN C 246 32.73 -18.07 4.95
C ASN C 246 33.00 -17.72 3.50
N LEU C 247 32.77 -16.46 3.08
CA LEU C 247 33.09 -16.03 1.72
C LEU C 247 34.60 -16.09 1.49
N THR C 248 35.37 -15.69 2.48
CA THR C 248 36.85 -15.80 2.44
C THR C 248 37.32 -17.24 2.34
N LEU C 249 36.78 -18.11 3.17
CA LEU C 249 37.13 -19.55 3.16
C LEU C 249 36.78 -20.19 1.83
N GLN C 250 35.65 -19.81 1.20
CA GLN C 250 35.23 -20.42 -0.07
C GLN C 250 36.15 -19.97 -1.21
N THR C 251 36.40 -18.68 -1.25
CA THR C 251 37.29 -18.05 -2.18
C THR C 251 38.70 -18.64 -2.10
N ALA C 252 39.22 -18.73 -0.91
CA ALA C 252 40.52 -19.32 -0.73
C ALA C 252 40.54 -20.79 -1.15
N SER C 253 39.50 -21.57 -0.78
CA SER C 253 39.46 -22.99 -1.12
C SER C 253 39.47 -23.14 -2.63
N ASP C 254 38.74 -22.27 -3.33
CA ASP C 254 38.64 -22.30 -4.79
C ASP C 254 39.96 -22.08 -5.48
N VAL C 255 41.00 -21.55 -4.79
CA VAL C 255 42.34 -21.39 -5.38
C VAL C 255 43.35 -22.21 -4.57
N ASN C 256 42.87 -23.24 -3.84
CA ASN C 256 43.66 -24.20 -3.08
C ASN C 256 44.55 -23.53 -2.09
N ALA C 257 43.98 -22.61 -1.30
CA ALA C 257 44.77 -21.87 -0.35
C ALA C 257 44.14 -22.06 1.02
N PRO C 258 44.75 -22.83 1.93
CA PRO C 258 44.22 -22.90 3.30
C PRO C 258 44.36 -21.57 4.01
N MSE C 259 43.49 -21.29 5.00
CA MSE C 259 43.52 -20.06 5.79
C MSE C 259 43.29 -20.45 7.26
O MSE C 259 42.20 -20.28 7.78
CB MSE C 259 42.43 -19.08 5.34
CG MSE C 259 42.33 -18.80 3.83
SE MSE C 259 43.62 -17.53 3.32
CE MSE C 259 42.73 -15.99 3.86
N PRO C 260 44.30 -21.03 7.91
CA PRO C 260 44.12 -21.50 9.30
C PRO C 260 43.55 -20.49 10.27
N PHE C 261 43.98 -19.22 10.19
CA PHE C 261 43.39 -18.17 11.05
C PHE C 261 41.89 -18.00 10.74
N ALA C 262 41.50 -18.08 9.47
CA ALA C 262 40.09 -17.93 9.11
C ALA C 262 39.24 -19.06 9.71
N ASP C 263 39.77 -20.29 9.81
CA ASP C 263 39.04 -21.41 10.47
C ASP C 263 38.73 -21.06 11.93
N ILE C 264 39.69 -20.49 12.65
CA ILE C 264 39.48 -20.10 14.05
C ILE C 264 38.43 -19.01 14.12
N ILE C 265 38.52 -18.02 13.23
CA ILE C 265 37.53 -16.93 13.21
C ILE C 265 36.11 -17.52 12.97
N ARG C 266 35.96 -18.39 12.00
CA ARG C 266 34.65 -19.00 11.74
C ARG C 266 34.09 -19.68 13.00
N ASN C 267 34.92 -20.45 13.73
CA ASN C 267 34.47 -21.10 14.95
C ASN C 267 34.11 -20.11 16.04
N ARG C 268 34.70 -18.91 16.07
CA ARG C 268 34.31 -17.87 17.07
C ARG C 268 32.90 -17.45 16.84
N PHE C 269 32.51 -17.32 15.56
CA PHE C 269 31.14 -16.96 15.22
C PHE C 269 30.22 -18.09 15.47
N ILE C 270 30.58 -19.31 15.09
CA ILE C 270 29.66 -20.46 15.29
C ILE C 270 29.35 -20.62 16.78
N SER C 271 30.39 -20.60 17.55
CA SER C 271 30.30 -20.70 18.98
C SER C 271 29.51 -19.55 19.60
N GLY C 272 29.75 -18.32 19.17
CA GLY C 272 29.00 -17.15 19.70
C GLY C 272 27.53 -17.21 19.36
N LEU C 273 27.19 -17.74 18.19
CA LEU C 273 25.78 -17.98 17.88
C LEU C 273 25.20 -19.03 18.81
N ALA C 274 25.93 -20.13 19.12
CA ALA C 274 25.44 -21.12 20.09
C ALA C 274 25.25 -20.49 21.46
N LYS C 275 26.07 -19.47 21.80
CA LYS C 275 25.92 -18.75 23.08
C LYS C 275 24.95 -17.56 23.00
N GLY C 276 24.15 -17.44 21.94
CA GLY C 276 23.16 -16.37 21.81
C GLY C 276 23.70 -14.96 21.56
N ARG C 277 24.83 -14.79 20.84
CA ARG C 277 25.38 -13.45 20.59
C ARG C 277 24.97 -12.83 19.24
N GLU C 278 23.93 -13.34 18.61
CA GLU C 278 23.48 -12.88 17.29
C GLU C 278 23.15 -11.37 17.22
N ASN C 279 22.81 -10.75 18.35
CA ASN C 279 22.49 -9.32 18.35
C ASN C 279 23.68 -8.43 18.73
N LEU C 280 24.90 -8.99 18.93
CA LEU C 280 26.06 -8.18 19.24
C LEU C 280 26.77 -7.73 17.96
N ASP C 281 27.71 -6.81 18.13
CA ASP C 281 28.55 -6.40 17.02
C ASP C 281 29.49 -7.57 16.61
N TRP C 282 29.90 -7.63 15.34
CA TRP C 282 30.82 -8.69 14.89
C TRP C 282 32.13 -8.71 15.75
N GLY C 283 32.54 -7.56 16.32
CA GLY C 283 33.72 -7.54 17.20
C GLY C 283 33.63 -8.47 18.41
N ALA C 284 32.39 -8.89 18.79
CA ALA C 284 32.14 -9.84 19.88
C ALA C 284 32.75 -11.19 19.63
N LEU C 285 33.31 -11.43 18.43
CA LEU C 285 34.05 -12.66 18.17
C LEU C 285 35.17 -12.77 19.16
N ALA C 286 35.72 -11.60 19.63
CA ALA C 286 36.81 -11.54 20.61
C ALA C 286 36.43 -12.09 21.95
N LEU C 287 35.16 -12.32 22.23
CA LEU C 287 34.76 -12.93 23.50
C LEU C 287 35.16 -14.41 23.62
N GLY C 288 35.43 -15.09 22.49
CA GLY C 288 35.78 -16.50 22.48
C GLY C 288 37.00 -16.79 23.32
N ALA C 289 38.02 -15.94 23.19
CA ALA C 289 39.26 -16.03 23.96
C ALA C 289 38.95 -15.98 25.43
N SER C 290 38.05 -15.07 25.82
CA SER C 290 37.59 -14.93 27.23
C SER C 290 36.77 -16.15 27.69
N ASP C 291 35.92 -16.72 26.82
CA ASP C 291 35.13 -17.95 27.12
C ASP C 291 36.05 -19.14 27.38
N ASP C 292 37.07 -19.32 26.53
CA ASP C 292 38.06 -20.41 26.66
C ASP C 292 38.90 -20.28 27.90
N ALA C 293 39.11 -19.06 28.40
CA ALA C 293 39.92 -18.85 29.60
C ALA C 293 39.06 -18.70 30.84
N GLY C 294 37.79 -19.05 30.74
CA GLY C 294 36.85 -19.12 31.86
C GLY C 294 36.23 -17.83 32.35
N LEU C 295 36.51 -16.73 31.67
CA LEU C 295 36.11 -15.39 32.10
C LEU C 295 34.69 -14.99 31.70
N THR C 296 34.18 -15.49 30.58
CA THR C 296 32.83 -15.14 30.11
C THR C 296 32.08 -16.42 29.76
N LYS C 297 30.78 -16.30 29.47
CA LYS C 297 29.89 -17.42 29.19
C LYS C 297 28.91 -17.06 28.07
N LYS D 7 4.79 -5.61 7.91
CA LYS D 7 5.50 -6.84 7.61
C LYS D 7 4.48 -7.99 7.40
N ILE D 8 4.49 -8.62 6.19
CA ILE D 8 3.50 -9.63 5.85
C ILE D 8 4.09 -10.95 5.29
N ALA D 9 3.72 -12.09 5.91
CA ALA D 9 4.13 -13.39 5.36
C ALA D 9 3.16 -13.75 4.22
N PHE D 10 3.68 -14.25 3.08
CA PHE D 10 2.84 -14.62 1.94
C PHE D 10 3.23 -16.01 1.49
N LEU D 11 2.32 -17.00 1.67
CA LEU D 11 2.59 -18.40 1.36
C LEU D 11 1.72 -18.86 0.19
N GLY D 12 2.38 -19.24 -0.90
CA GLY D 12 1.76 -19.71 -2.12
C GLY D 12 1.80 -18.67 -3.20
N LEU D 13 2.52 -18.96 -4.29
CA LEU D 13 2.77 -18.04 -5.38
C LEU D 13 2.38 -18.64 -6.74
N GLY D 14 1.24 -19.31 -6.78
CA GLY D 14 0.67 -19.85 -8.01
C GLY D 14 0.09 -18.76 -8.88
N ASN D 15 -0.93 -19.10 -9.70
CA ASN D 15 -1.61 -18.22 -10.68
C ASN D 15 -2.24 -16.97 -10.07
N LEU D 16 -2.75 -17.09 -8.84
CA LEU D 16 -3.38 -15.99 -8.10
C LEU D 16 -2.45 -15.38 -7.10
N GLY D 17 -1.67 -16.19 -6.41
CA GLY D 17 -0.73 -15.75 -5.40
C GLY D 17 0.36 -14.83 -5.90
N THR D 18 0.93 -15.11 -7.08
CA THR D 18 1.94 -14.25 -7.70
C THR D 18 1.34 -12.84 -7.98
N PRO D 19 0.26 -12.67 -8.79
CA PRO D 19 -0.25 -11.31 -9.02
C PRO D 19 -0.79 -10.64 -7.75
N ILE D 20 -1.32 -11.39 -6.73
CA ILE D 20 -1.71 -10.72 -5.48
C ILE D 20 -0.45 -10.13 -4.81
N ALA D 21 0.60 -10.96 -4.64
CA ALA D 21 1.84 -10.55 -3.97
C ALA D 21 2.47 -9.34 -4.67
N GLU D 22 2.50 -9.35 -6.02
CA GLU D 22 3.00 -8.22 -6.82
C GLU D 22 2.28 -6.92 -6.49
N ILE D 23 0.93 -6.97 -6.43
CA ILE D 23 0.13 -5.78 -6.15
C ILE D 23 0.45 -5.26 -4.75
N LEU D 24 0.57 -6.15 -3.76
CA LEU D 24 0.85 -5.73 -2.39
C LEU D 24 2.26 -5.10 -2.30
N LEU D 25 3.26 -5.69 -2.95
CA LEU D 25 4.63 -5.13 -3.00
C LEU D 25 4.65 -3.76 -3.68
N GLU D 26 3.96 -3.62 -4.83
CA GLU D 26 3.86 -2.33 -5.55
C GLU D 26 3.17 -1.29 -4.71
N ALA D 27 2.26 -1.70 -3.82
CA ALA D 27 1.57 -0.78 -2.92
C ALA D 27 2.42 -0.46 -1.65
N GLY D 28 3.66 -0.93 -1.58
CA GLY D 28 4.59 -0.62 -0.50
C GLY D 28 4.57 -1.55 0.69
N TYR D 29 3.90 -2.70 0.60
CA TYR D 29 3.91 -3.65 1.71
C TYR D 29 5.23 -4.44 1.67
N GLU D 30 5.79 -4.71 2.84
CA GLU D 30 7.01 -5.53 2.96
C GLU D 30 6.56 -6.98 3.05
N LEU D 31 6.84 -7.80 2.03
CA LEU D 31 6.46 -9.21 2.02
C LEU D 31 7.66 -10.12 2.22
N VAL D 32 7.45 -11.22 2.96
CA VAL D 32 8.38 -12.33 3.10
C VAL D 32 7.60 -13.51 2.52
N VAL D 33 8.04 -13.99 1.35
CA VAL D 33 7.28 -14.98 0.59
C VAL D 33 7.83 -16.41 0.65
N TRP D 34 6.96 -17.36 0.24
CA TRP D 34 7.28 -18.79 0.20
C TRP D 34 6.41 -19.48 -0.84
N ASN D 35 6.99 -20.41 -1.62
CA ASN D 35 6.25 -21.29 -2.55
C ASN D 35 6.89 -22.67 -2.55
N ARG D 36 6.11 -23.72 -2.84
CA ARG D 36 6.66 -25.09 -2.92
C ARG D 36 7.66 -25.19 -4.10
N THR D 37 7.35 -24.55 -5.25
CA THR D 37 8.26 -24.41 -6.39
C THR D 37 8.91 -23.06 -6.14
N ALA D 38 10.04 -23.04 -5.43
CA ALA D 38 10.72 -21.80 -5.02
C ALA D 38 11.01 -20.81 -6.18
N SER D 39 11.27 -21.32 -7.40
CA SER D 39 11.55 -20.48 -8.59
C SER D 39 10.46 -19.41 -8.89
N LYS D 40 9.16 -19.64 -8.53
CA LYS D 40 8.10 -18.65 -8.77
C LYS D 40 8.27 -17.33 -7.94
N ALA D 41 9.14 -17.33 -6.90
CA ALA D 41 9.43 -16.14 -6.11
C ALA D 41 10.45 -15.21 -6.77
N GLU D 42 11.22 -15.72 -7.74
CA GLU D 42 12.29 -14.95 -8.41
C GLU D 42 11.83 -13.57 -8.95
N PRO D 43 10.72 -13.46 -9.70
CA PRO D 43 10.29 -12.14 -10.19
C PRO D 43 9.80 -11.16 -9.09
N LEU D 44 9.60 -11.59 -7.84
CA LEU D 44 9.17 -10.70 -6.76
C LEU D 44 10.36 -10.05 -6.08
N THR D 45 11.59 -10.51 -6.35
CA THR D 45 12.82 -9.93 -5.76
C THR D 45 13.04 -8.48 -6.20
N LYS D 46 12.78 -8.17 -7.49
CA LYS D 46 12.91 -6.80 -7.99
C LYS D 46 11.96 -5.82 -7.27
N LEU D 47 10.87 -6.33 -6.61
CA LEU D 47 9.94 -5.47 -5.89
C LEU D 47 10.21 -5.38 -4.37
N GLY D 48 11.27 -6.02 -3.89
CA GLY D 48 11.68 -5.96 -2.50
C GLY D 48 11.20 -7.12 -1.65
N ALA D 49 10.76 -8.21 -2.27
CA ALA D 49 10.30 -9.38 -1.51
C ALA D 49 11.49 -10.13 -0.96
N THR D 50 11.34 -10.69 0.25
CA THR D 50 12.30 -11.60 0.87
C THR D 50 11.74 -13.00 0.63
N VAL D 51 12.55 -13.98 0.24
CA VAL D 51 12.13 -15.36 0.03
C VAL D 51 12.70 -16.21 1.13
N VAL D 52 11.93 -17.15 1.66
CA VAL D 52 12.42 -18.09 2.67
C VAL D 52 12.31 -19.49 2.09
N GLU D 53 13.09 -20.43 2.60
CA GLU D 53 13.06 -21.82 2.11
C GLU D 53 11.90 -22.58 2.74
N ASN D 54 11.58 -22.32 4.03
CA ASN D 54 10.47 -22.97 4.76
C ASN D 54 9.41 -21.94 5.19
N ALA D 55 8.11 -22.28 5.04
CA ALA D 55 7.01 -21.38 5.35
C ALA D 55 7.06 -20.83 6.77
N ILE D 56 7.41 -21.67 7.77
CA ILE D 56 7.48 -21.20 9.17
C ILE D 56 8.47 -20.01 9.33
N ASP D 57 9.52 -19.94 8.47
CA ASP D 57 10.50 -18.87 8.52
C ASP D 57 9.89 -17.53 8.10
N ALA D 58 8.85 -17.51 7.25
CA ALA D 58 8.21 -16.26 6.85
C ALA D 58 7.35 -15.64 7.95
N ILE D 59 6.98 -16.40 8.98
CA ILE D 59 6.05 -15.97 10.03
C ILE D 59 6.69 -15.10 11.06
N THR D 60 6.01 -14.01 11.42
CA THR D 60 6.43 -13.14 12.52
C THR D 60 5.37 -13.25 13.62
N PRO D 61 5.73 -13.53 14.90
CA PRO D 61 4.69 -13.58 15.95
C PRO D 61 3.87 -12.29 16.00
N GLY D 62 2.55 -12.43 16.13
CA GLY D 62 1.64 -11.30 16.09
C GLY D 62 1.45 -10.65 14.71
N GLY D 63 2.07 -11.23 13.66
CA GLY D 63 1.99 -10.68 12.33
C GLY D 63 0.75 -11.08 11.55
N ILE D 64 0.81 -10.82 10.25
CA ILE D 64 -0.20 -11.17 9.26
C ILE D 64 0.42 -12.18 8.31
N VAL D 65 -0.33 -13.23 8.01
CA VAL D 65 0.11 -14.24 7.05
C VAL D 65 -1.01 -14.50 6.07
N PHE D 66 -0.73 -14.36 4.74
CA PHE D 66 -1.65 -14.71 3.65
C PHE D 66 -1.25 -16.05 3.14
N SER D 67 -2.24 -16.86 2.77
CA SER D 67 -1.97 -18.16 2.15
C SER D 67 -2.95 -18.37 1.03
N VAL D 68 -2.44 -18.77 -0.13
CA VAL D 68 -3.18 -19.12 -1.36
C VAL D 68 -2.62 -20.43 -1.80
N LEU D 69 -3.35 -21.50 -1.57
CA LEU D 69 -2.86 -22.83 -1.87
C LEU D 69 -3.93 -23.61 -2.63
N ALA D 70 -3.54 -24.74 -3.19
CA ALA D 70 -4.37 -25.53 -4.07
C ALA D 70 -5.61 -26.14 -3.42
N ASP D 71 -5.51 -26.65 -2.17
CA ASP D 71 -6.60 -27.39 -1.56
C ASP D 71 -6.47 -27.55 -0.02
N ASP D 72 -7.49 -28.15 0.60
CA ASP D 72 -7.59 -28.41 2.05
C ASP D 72 -6.31 -29.11 2.58
N ALA D 73 -5.81 -30.17 1.89
CA ALA D 73 -4.61 -30.90 2.32
C ALA D 73 -3.38 -30.01 2.35
N ALA D 74 -3.24 -29.12 1.36
CA ALA D 74 -2.09 -28.21 1.30
C ALA D 74 -2.11 -27.22 2.46
N VAL D 75 -3.29 -26.66 2.77
CA VAL D 75 -3.42 -25.71 3.90
C VAL D 75 -3.15 -26.44 5.22
N GLU D 76 -3.71 -27.62 5.41
CA GLU D 76 -3.54 -28.40 6.64
C GLU D 76 -2.09 -28.88 6.84
N GLU D 77 -1.41 -29.23 5.74
CA GLU D 77 -0.01 -29.66 5.73
C GLU D 77 0.90 -28.48 6.13
N LEU D 78 0.61 -27.28 5.64
CA LEU D 78 1.43 -26.11 5.94
C LEU D 78 1.12 -25.54 7.32
N PHE D 79 -0.16 -25.41 7.67
CA PHE D 79 -0.52 -24.79 8.96
C PHE D 79 -0.55 -25.82 10.06
N SER D 80 0.64 -26.25 10.48
CA SER D 80 0.83 -27.23 11.54
C SER D 80 0.69 -26.53 12.89
N MSE D 81 0.72 -27.27 13.99
CA MSE D 81 0.65 -26.65 15.32
C MSE D 81 1.90 -25.80 15.55
O MSE D 81 1.79 -24.75 16.14
CB MSE D 81 0.49 -27.68 16.44
CG MSE D 81 -0.93 -28.16 16.62
SE MSE D 81 -1.04 -29.36 18.14
CE MSE D 81 -0.28 -31.00 17.28
N GLU D 82 3.06 -26.25 15.03
CA GLU D 82 4.30 -25.50 15.17
C GLU D 82 4.20 -24.16 14.42
N LEU D 83 3.71 -24.15 13.15
CA LEU D 83 3.59 -22.89 12.41
C LEU D 83 2.56 -21.95 13.08
N VAL D 84 1.37 -22.49 13.45
CA VAL D 84 0.33 -21.68 14.08
C VAL D 84 0.81 -21.17 15.46
N GLU D 85 1.53 -22.00 16.23
CA GLU D 85 2.08 -21.57 17.54
C GLU D 85 3.06 -20.39 17.38
N LYS D 86 3.87 -20.39 16.31
CA LYS D 86 4.78 -19.27 16.04
C LYS D 86 4.01 -17.99 15.72
N LEU D 87 3.01 -18.08 14.81
CA LEU D 87 2.12 -16.95 14.44
C LEU D 87 1.61 -16.31 15.71
N GLY D 88 1.17 -17.16 16.64
CA GLY D 88 0.89 -16.82 18.02
C GLY D 88 -0.13 -15.75 18.34
N LYS D 89 0.06 -15.15 19.54
CA LYS D 89 -0.83 -14.18 20.19
C LYS D 89 -1.09 -12.95 19.30
N ASP D 90 -2.39 -12.67 19.02
CA ASP D 90 -2.85 -11.56 18.18
C ASP D 90 -2.50 -11.77 16.67
N GLY D 91 -1.92 -12.92 16.31
CA GLY D 91 -1.59 -13.24 14.93
C GLY D 91 -2.86 -13.36 14.09
N VAL D 92 -2.76 -13.11 12.78
CA VAL D 92 -3.94 -13.17 11.87
C VAL D 92 -3.58 -13.89 10.59
N HIS D 93 -4.34 -14.94 10.26
CA HIS D 93 -4.12 -15.71 9.04
C HIS D 93 -5.23 -15.40 8.08
N VAL D 94 -4.89 -14.79 6.93
CA VAL D 94 -5.86 -14.50 5.87
C VAL D 94 -5.83 -15.68 4.92
N SER D 95 -6.76 -16.61 5.11
CA SER D 95 -6.81 -17.87 4.35
C SER D 95 -7.64 -17.71 3.09
N MSE D 96 -6.96 -17.60 1.94
CA MSE D 96 -7.67 -17.36 0.68
C MSE D 96 -7.86 -18.57 -0.19
O MSE D 96 -8.44 -18.44 -1.24
CB MSE D 96 -6.97 -16.29 -0.14
CG MSE D 96 -6.70 -15.02 0.65
SE MSE D 96 -6.00 -13.60 -0.46
CE MSE D 96 -4.47 -14.17 -0.81
N SER D 97 -7.47 -19.75 0.27
CA SER D 97 -7.66 -20.97 -0.50
C SER D 97 -9.14 -21.36 -0.58
N THR D 98 -9.49 -22.02 -1.69
CA THR D 98 -10.82 -22.59 -1.87
C THR D 98 -10.84 -23.94 -1.18
N ILE D 99 -11.36 -23.96 0.05
CA ILE D 99 -11.41 -25.15 0.89
C ILE D 99 -12.80 -25.30 1.52
N SER D 100 -13.01 -26.41 2.17
CA SER D 100 -14.30 -26.66 2.81
C SER D 100 -14.50 -25.68 3.97
N PRO D 101 -15.75 -25.24 4.25
CA PRO D 101 -15.97 -24.44 5.45
C PRO D 101 -15.63 -25.23 6.71
N GLU D 102 -15.71 -26.58 6.68
CA GLU D 102 -15.36 -27.37 7.86
C GLU D 102 -13.83 -27.33 8.12
N THR D 103 -12.98 -27.29 7.07
CA THR D 103 -11.52 -27.13 7.25
C THR D 103 -11.22 -25.78 7.91
N SER D 104 -11.85 -24.74 7.41
CA SER D 104 -11.66 -23.39 7.97
C SER D 104 -12.06 -23.32 9.45
N ARG D 105 -13.19 -23.94 9.83
CA ARG D 105 -13.71 -23.92 11.20
C ARG D 105 -12.76 -24.67 12.16
N GLN D 106 -12.23 -25.81 11.72
CA GLN D 106 -11.28 -26.60 12.48
C GLN D 106 -9.98 -25.84 12.67
N LEU D 107 -9.43 -25.30 11.58
CA LEU D 107 -8.20 -24.50 11.65
C LEU D 107 -8.39 -23.27 12.54
N ALA D 108 -9.55 -22.63 12.47
CA ALA D 108 -9.83 -21.46 13.30
C ALA D 108 -9.78 -21.81 14.80
N GLN D 109 -10.28 -23.00 15.20
CA GLN D 109 -10.19 -23.41 16.59
C GLN D 109 -8.70 -23.54 17.00
N VAL D 110 -7.87 -24.09 16.11
CA VAL D 110 -6.43 -24.31 16.36
C VAL D 110 -5.74 -22.96 16.51
N HIS D 111 -6.09 -22.00 15.66
CA HIS D 111 -5.53 -20.66 15.73
C HIS D 111 -5.88 -20.01 17.09
N GLU D 112 -7.13 -20.13 17.56
CA GLU D 112 -7.57 -19.56 18.86
C GLU D 112 -6.81 -20.12 20.05
N TRP D 113 -6.47 -21.43 20.05
CA TRP D 113 -5.68 -22.04 21.14
C TRP D 113 -4.42 -21.25 21.46
N TYR D 114 -3.76 -20.75 20.39
CA TYR D 114 -2.52 -20.00 20.48
C TYR D 114 -2.74 -18.48 20.42
N GLY D 115 -3.98 -18.02 20.54
CA GLY D 115 -4.30 -16.59 20.49
C GLY D 115 -4.19 -15.96 19.12
N ALA D 116 -4.30 -16.75 18.04
CA ALA D 116 -4.22 -16.29 16.67
C ALA D 116 -5.63 -16.27 16.11
N HIS D 117 -5.84 -15.56 15.00
CA HIS D 117 -7.15 -15.45 14.41
C HIS D 117 -7.14 -15.92 13.00
N TYR D 118 -8.14 -16.69 12.67
CA TYR D 118 -8.28 -17.23 11.33
C TYR D 118 -9.38 -16.44 10.62
N VAL D 119 -9.04 -15.84 9.46
CA VAL D 119 -9.98 -15.13 8.60
C VAL D 119 -10.15 -15.94 7.33
N GLY D 120 -11.37 -16.38 7.07
CA GLY D 120 -11.68 -17.07 5.83
C GLY D 120 -11.83 -15.99 4.78
N ALA D 121 -11.06 -16.05 3.68
CA ALA D 121 -11.01 -14.94 2.72
C ALA D 121 -10.90 -15.40 1.28
N PRO D 122 -11.72 -16.37 0.83
CA PRO D 122 -11.60 -16.82 -0.56
C PRO D 122 -11.91 -15.69 -1.53
N ILE D 123 -11.28 -15.75 -2.67
CA ILE D 123 -11.38 -14.71 -3.69
C ILE D 123 -12.11 -15.20 -4.96
N PHE D 124 -12.73 -14.26 -5.64
CA PHE D 124 -13.38 -14.41 -6.92
C PHE D 124 -12.59 -13.60 -7.92
N ALA D 125 -11.74 -14.27 -8.68
CA ALA D 125 -10.88 -13.61 -9.63
C ALA D 125 -10.09 -14.58 -10.47
N ARG D 126 -10.04 -14.38 -11.78
CA ARG D 126 -9.09 -15.08 -12.64
C ARG D 126 -7.78 -14.29 -12.50
N PRO D 127 -6.60 -14.78 -12.90
CA PRO D 127 -5.38 -13.95 -12.77
C PRO D 127 -5.48 -12.54 -13.39
N GLU D 128 -6.18 -12.42 -14.52
CA GLU D 128 -6.35 -11.15 -15.23
C GLU D 128 -7.16 -10.16 -14.39
N ALA D 129 -8.18 -10.67 -13.65
CA ALA D 129 -8.98 -9.83 -12.75
C ALA D 129 -8.13 -9.39 -11.56
N VAL D 130 -7.16 -10.25 -11.13
CA VAL D 130 -6.25 -9.87 -10.04
C VAL D 130 -5.43 -8.66 -10.52
N ARG D 131 -4.78 -8.78 -11.69
CA ARG D 131 -3.93 -7.74 -12.26
C ARG D 131 -4.68 -6.43 -12.48
N ALA D 132 -5.96 -6.48 -12.85
CA ALA D 132 -6.77 -5.29 -13.07
C ALA D 132 -7.49 -4.83 -11.77
N LYS D 133 -7.31 -5.52 -10.64
CA LYS D 133 -7.94 -5.17 -9.34
C LYS D 133 -9.46 -5.10 -9.43
N VAL D 134 -10.11 -5.93 -10.28
CA VAL D 134 -11.56 -5.90 -10.50
C VAL D 134 -12.25 -7.17 -9.91
N GLY D 135 -11.52 -7.93 -9.08
CA GLY D 135 -12.04 -9.12 -8.43
C GLY D 135 -12.75 -8.76 -7.15
N ASN D 136 -13.25 -9.79 -6.45
CA ASN D 136 -13.98 -9.60 -5.22
C ASN D 136 -13.48 -10.59 -4.18
N ILE D 137 -13.50 -10.22 -2.90
CA ILE D 137 -13.10 -11.09 -1.81
C ILE D 137 -14.25 -11.19 -0.81
N CYS D 138 -14.44 -12.37 -0.21
CA CYS D 138 -15.43 -12.57 0.84
C CYS D 138 -14.69 -12.87 2.12
N LEU D 139 -15.05 -12.23 3.21
CA LEU D 139 -14.37 -12.39 4.50
C LEU D 139 -15.32 -12.90 5.52
N SER D 140 -14.82 -13.78 6.41
CA SER D 140 -15.59 -14.23 7.56
C SER D 140 -14.60 -14.70 8.62
N GLY D 141 -15.04 -14.55 9.86
CA GLY D 141 -14.18 -14.84 10.99
C GLY D 141 -14.21 -13.68 11.98
N ASN D 142 -13.22 -13.62 12.84
CA ASN D 142 -13.15 -12.63 13.93
C ASN D 142 -13.22 -11.19 13.40
N ALA D 143 -14.07 -10.35 14.01
CA ALA D 143 -14.30 -8.98 13.57
C ALA D 143 -13.03 -8.14 13.65
N GLY D 144 -12.26 -8.26 14.73
CA GLY D 144 -10.99 -7.57 14.93
C GLY D 144 -9.98 -7.89 13.86
N ALA D 145 -9.80 -9.18 13.57
CA ALA D 145 -8.91 -9.66 12.52
C ALA D 145 -9.32 -9.15 11.12
N LYS D 146 -10.62 -9.15 10.79
CA LYS D 146 -11.07 -8.69 9.47
C LYS D 146 -10.78 -7.18 9.27
N GLU D 147 -11.06 -6.36 10.30
CA GLU D 147 -10.81 -4.91 10.31
C GLU D 147 -9.30 -4.58 10.10
N ARG D 148 -8.40 -5.42 10.58
CA ARG D 148 -6.96 -5.19 10.44
C ARG D 148 -6.48 -5.51 9.02
N ILE D 149 -7.05 -6.50 8.36
CA ILE D 149 -6.55 -6.88 7.05
C ILE D 149 -7.41 -6.31 5.90
N LYS D 150 -8.58 -5.75 6.20
CA LYS D 150 -9.46 -5.21 5.16
C LYS D 150 -8.75 -4.15 4.38
N PRO D 151 -7.98 -3.19 5.00
CA PRO D 151 -7.22 -2.23 4.20
C PRO D 151 -6.19 -2.85 3.26
N ILE D 152 -5.64 -4.01 3.62
CA ILE D 152 -4.61 -4.66 2.79
C ILE D 152 -5.27 -5.31 1.57
N VAL D 153 -6.34 -6.09 1.77
CA VAL D 153 -7.00 -6.79 0.66
C VAL D 153 -7.67 -5.83 -0.33
N GLU D 154 -8.05 -4.64 0.09
CA GLU D 154 -8.64 -3.62 -0.80
C GLU D 154 -7.66 -3.21 -1.96
N ASN D 155 -6.35 -3.41 -1.77
CA ASN D 155 -5.41 -3.06 -2.83
C ASN D 155 -5.56 -3.95 -4.07
N PHE D 156 -6.02 -5.20 -3.95
CA PHE D 156 -6.04 -6.10 -5.10
C PHE D 156 -7.45 -6.59 -5.51
N VAL D 157 -8.50 -5.98 -4.97
CA VAL D 157 -9.89 -6.32 -5.35
C VAL D 157 -10.69 -5.05 -5.41
N LYS D 158 -11.89 -5.11 -6.01
CA LYS D 158 -12.84 -4.01 -6.03
C LYS D 158 -13.75 -4.13 -4.79
N GLY D 159 -14.46 -5.25 -4.66
CA GLY D 159 -15.41 -5.44 -3.57
C GLY D 159 -14.93 -6.35 -2.45
N VAL D 160 -15.30 -6.00 -1.21
CA VAL D 160 -15.04 -6.74 0.02
C VAL D 160 -16.39 -7.01 0.64
N PHE D 161 -16.76 -8.29 0.81
CA PHE D 161 -18.06 -8.66 1.34
C PHE D 161 -17.84 -9.41 2.65
N ASP D 162 -18.41 -8.91 3.74
CA ASP D 162 -18.25 -9.48 5.07
C ASP D 162 -19.43 -10.44 5.38
N PHE D 163 -19.13 -11.74 5.63
CA PHE D 163 -20.16 -12.74 5.95
C PHE D 163 -20.16 -13.11 7.46
N GLY D 164 -19.73 -12.21 8.32
CA GLY D 164 -19.88 -12.42 9.75
C GLY D 164 -18.84 -13.25 10.43
N ASP D 165 -19.16 -13.71 11.64
CA ASP D 165 -18.26 -14.40 12.55
C ASP D 165 -17.89 -15.81 12.19
N ASP D 166 -18.74 -16.57 11.49
CA ASP D 166 -18.41 -17.97 11.20
C ASP D 166 -17.18 -18.01 10.28
N PRO D 167 -16.05 -18.62 10.70
CA PRO D 167 -14.87 -18.64 9.83
C PRO D 167 -15.01 -19.44 8.52
N GLY D 168 -16.03 -20.29 8.40
CA GLY D 168 -16.31 -21.03 7.18
C GLY D 168 -17.40 -20.43 6.30
N ALA D 169 -18.07 -19.33 6.69
CA ALA D 169 -19.17 -18.77 5.89
C ALA D 169 -18.69 -18.23 4.54
N ALA D 170 -17.56 -17.52 4.48
CA ALA D 170 -17.10 -17.01 3.20
C ALA D 170 -16.76 -18.15 2.28
N ASN D 171 -16.29 -19.29 2.87
CA ASN D 171 -16.00 -20.48 2.04
C ASN D 171 -17.23 -21.04 1.40
N VAL D 172 -18.39 -20.95 2.07
CA VAL D 172 -19.67 -21.48 1.49
C VAL D 172 -20.01 -20.62 0.28
N ILE D 173 -19.83 -19.28 0.40
CA ILE D 173 -20.13 -18.35 -0.69
C ILE D 173 -19.23 -18.63 -1.89
N LYS D 174 -17.94 -18.88 -1.65
CA LYS D 174 -17.03 -19.18 -2.76
C LYS D 174 -17.49 -20.46 -3.46
N LEU D 175 -17.85 -21.50 -2.70
CA LEU D 175 -18.31 -22.74 -3.32
C LEU D 175 -19.60 -22.50 -4.08
N ALA D 176 -20.55 -21.76 -3.49
CA ALA D 176 -21.78 -21.43 -4.22
C ALA D 176 -21.54 -20.61 -5.46
N GLY D 177 -20.63 -19.62 -5.42
CA GLY D 177 -20.34 -18.82 -6.61
C GLY D 177 -19.67 -19.61 -7.72
N ASN D 178 -18.65 -20.42 -7.38
CA ASN D 178 -17.99 -21.29 -8.36
C ASN D 178 -18.94 -22.34 -8.95
N PHE D 179 -19.90 -22.78 -8.16
CA PHE D 179 -20.96 -23.68 -8.67
C PHE D 179 -21.76 -22.94 -9.77
N MSE D 180 -22.15 -21.69 -9.50
CA MSE D 180 -22.93 -20.90 -10.44
C MSE D 180 -22.16 -20.59 -11.70
O MSE D 180 -22.76 -20.61 -12.76
CB MSE D 180 -23.43 -19.64 -9.77
CG MSE D 180 -24.52 -19.95 -8.77
SE MSE D 180 -25.40 -18.40 -8.02
CE MSE D 180 -26.01 -17.50 -9.47
N ILE D 181 -20.84 -20.40 -11.60
CA ILE D 181 -20.00 -20.21 -12.78
C ILE D 181 -19.98 -21.49 -13.61
N ALA D 182 -19.81 -22.64 -12.95
CA ALA D 182 -19.83 -23.92 -13.64
C ALA D 182 -21.20 -24.21 -14.26
N CYS D 183 -22.28 -23.89 -13.59
CA CYS D 183 -23.61 -24.00 -14.20
C CYS D 183 -23.71 -23.08 -15.39
N SER D 184 -23.10 -21.88 -15.33
CA SER D 184 -23.20 -20.94 -16.45
C SER D 184 -22.47 -21.52 -17.66
N LEU D 185 -21.31 -22.12 -17.43
CA LEU D 185 -20.57 -22.80 -18.50
C LEU D 185 -21.39 -23.97 -19.10
N GLU D 186 -22.00 -24.81 -18.24
CA GLU D 186 -22.80 -25.94 -18.66
C GLU D 186 -24.05 -25.49 -19.45
N MSE D 187 -24.81 -24.50 -18.93
CA MSE D 187 -26.01 -24.05 -19.67
C MSE D 187 -25.63 -23.47 -21.02
O MSE D 187 -26.36 -23.70 -21.99
CB MSE D 187 -26.86 -23.06 -18.87
CG MSE D 187 -26.30 -21.66 -18.75
SE MSE D 187 -27.59 -20.64 -17.71
CE MSE D 187 -27.02 -21.17 -15.88
N MSE D 188 -24.47 -22.77 -21.12
CA MSE D 188 -24.02 -22.24 -22.42
C MSE D 188 -23.60 -23.36 -23.35
O MSE D 188 -23.95 -23.32 -24.51
CB MSE D 188 -22.93 -21.18 -22.28
CG MSE D 188 -23.52 -19.89 -21.81
SE MSE D 188 -22.25 -18.45 -21.76
CE MSE D 188 -21.16 -18.95 -20.28
N GLY D 189 -22.97 -24.40 -22.81
CA GLY D 189 -22.64 -25.60 -23.59
C GLY D 189 -23.88 -26.27 -24.19
N GLU D 190 -24.93 -26.45 -23.38
CA GLU D 190 -26.18 -27.03 -23.86
C GLU D 190 -26.90 -26.11 -24.84
N ALA D 191 -27.06 -24.83 -24.49
CA ALA D 191 -27.75 -23.86 -25.33
C ALA D 191 -27.02 -23.67 -26.67
N PHE D 192 -25.69 -23.43 -26.65
CA PHE D 192 -24.90 -23.19 -27.88
C PHE D 192 -24.81 -24.43 -28.78
N THR D 193 -24.74 -25.62 -28.19
CA THR D 193 -24.78 -26.88 -28.94
C THR D 193 -26.15 -27.10 -29.60
N MSE D 194 -27.27 -26.86 -28.88
CA MSE D 194 -28.57 -26.94 -29.52
C MSE D 194 -28.65 -25.99 -30.67
O MSE D 194 -29.20 -26.35 -31.68
CB MSE D 194 -29.74 -26.56 -28.55
CG MSE D 194 -31.22 -26.44 -29.28
SE MSE D 194 -32.57 -26.10 -27.93
CE MSE D 194 -32.04 -24.39 -27.36
N ALA D 195 -28.22 -24.75 -30.50
CA ALA D 195 -28.29 -23.78 -31.57
C ALA D 195 -27.43 -24.23 -32.73
N GLU D 196 -26.21 -24.70 -32.41
CA GLU D 196 -25.27 -25.16 -33.45
C GLU D 196 -25.86 -26.28 -34.29
N LYS D 197 -26.48 -27.25 -33.65
CA LYS D 197 -27.03 -28.38 -34.40
C LYS D 197 -28.32 -27.97 -35.16
N ASN D 198 -28.91 -26.81 -34.84
CA ASN D 198 -29.98 -26.22 -35.64
C ASN D 198 -29.41 -25.33 -36.75
N GLY D 199 -28.09 -25.35 -37.02
CA GLY D 199 -27.53 -24.55 -38.07
C GLY D 199 -27.19 -23.12 -37.70
N ILE D 200 -27.21 -22.74 -36.41
CA ILE D 200 -26.85 -21.37 -36.00
C ILE D 200 -25.40 -21.36 -35.54
N SER D 201 -24.65 -20.30 -35.84
CA SER D 201 -23.30 -20.18 -35.38
C SER D 201 -23.28 -20.05 -33.84
N ARG D 202 -22.37 -20.75 -33.15
CA ARG D 202 -22.23 -20.61 -31.70
C ARG D 202 -21.90 -19.11 -31.37
N GLN D 203 -21.21 -18.41 -32.29
CA GLN D 203 -20.88 -16.99 -32.11
C GLN D 203 -22.12 -16.08 -32.14
N SER D 204 -23.05 -16.32 -33.09
CA SER D 204 -24.24 -15.48 -33.21
C SER D 204 -25.11 -15.52 -31.95
N ILE D 205 -25.38 -16.72 -31.44
CA ILE D 205 -26.21 -16.89 -30.24
C ILE D 205 -25.45 -16.30 -29.03
N TYR D 206 -24.15 -16.56 -28.90
CA TYR D 206 -23.36 -15.96 -27.83
C TYR D 206 -23.48 -14.39 -27.89
N GLU D 207 -23.26 -13.80 -29.05
CA GLU D 207 -23.31 -12.33 -29.19
C GLU D 207 -24.65 -11.73 -28.82
N MSE D 208 -25.73 -12.37 -29.22
CA MSE D 208 -27.06 -11.82 -28.89
C MSE D 208 -27.33 -11.94 -27.40
O MSE D 208 -27.55 -10.95 -26.74
CB MSE D 208 -28.11 -12.55 -29.70
CG MSE D 208 -29.54 -11.95 -29.59
SE MSE D 208 -30.46 -12.61 -28.09
CE MSE D 208 -31.85 -11.16 -27.94
N LEU D 209 -27.26 -13.15 -26.86
CA LEU D 209 -27.59 -13.37 -25.46
C LEU D 209 -26.67 -12.68 -24.46
N THR D 210 -25.36 -12.67 -24.69
CA THR D 210 -24.45 -12.07 -23.71
C THR D 210 -24.36 -10.56 -23.86
N SER D 211 -25.00 -9.94 -24.86
CA SER D 211 -25.03 -8.50 -24.94
C SER D 211 -26.38 -7.98 -24.48
N THR D 212 -27.34 -8.84 -24.12
CA THR D 212 -28.66 -8.38 -23.72
C THR D 212 -29.03 -9.02 -22.33
N LEU D 213 -29.74 -10.15 -22.34
CA LEU D 213 -30.20 -10.88 -21.16
C LEU D 213 -29.13 -11.22 -20.20
N PHE D 214 -28.03 -11.70 -20.77
CA PHE D 214 -26.92 -12.23 -19.99
C PHE D 214 -25.71 -11.34 -20.08
N ALA D 215 -25.90 -10.00 -20.01
CA ALA D 215 -24.79 -9.02 -20.03
C ALA D 215 -24.25 -8.89 -18.62
N ALA D 216 -23.70 -10.01 -18.10
CA ALA D 216 -23.09 -10.12 -16.77
C ALA D 216 -21.68 -10.59 -16.97
N PRO D 217 -20.72 -10.16 -16.15
CA PRO D 217 -19.31 -10.56 -16.37
C PRO D 217 -19.00 -12.04 -16.67
N ILE D 218 -19.61 -12.96 -15.91
CA ILE D 218 -19.35 -14.40 -16.07
C ILE D 218 -19.76 -14.87 -17.45
N PHE D 219 -20.95 -14.48 -17.90
CA PHE D 219 -21.43 -14.91 -19.21
C PHE D 219 -20.67 -14.26 -20.34
N GLN D 220 -20.27 -12.99 -20.18
CA GLN D 220 -19.56 -12.31 -21.26
C GLN D 220 -18.18 -12.88 -21.46
N ASN D 221 -17.48 -13.12 -20.34
CA ASN D 221 -16.11 -13.63 -20.36
C ASN D 221 -16.03 -15.15 -20.63
N TYR D 222 -16.76 -15.97 -19.92
CA TYR D 222 -16.65 -17.41 -20.21
C TYR D 222 -17.39 -17.82 -21.51
N GLY D 223 -18.39 -17.05 -21.93
CA GLY D 223 -19.17 -17.34 -23.14
C GLY D 223 -18.34 -17.33 -24.40
N LYS D 224 -17.32 -16.47 -24.46
CA LYS D 224 -16.38 -16.46 -25.60
C LYS D 224 -15.69 -17.81 -25.79
N LEU D 225 -15.28 -18.41 -24.67
CA LEU D 225 -14.58 -19.69 -24.63
C LEU D 225 -15.53 -20.84 -25.00
N VAL D 226 -16.76 -20.78 -24.53
CA VAL D 226 -17.75 -21.81 -24.90
C VAL D 226 -18.13 -21.66 -26.40
N ALA D 227 -18.28 -20.42 -26.90
CA ALA D 227 -18.68 -20.17 -28.28
C ALA D 227 -17.66 -20.78 -29.25
N SER D 228 -16.37 -20.55 -28.99
CA SER D 228 -15.30 -21.07 -29.82
C SER D 228 -14.84 -22.48 -29.40
N ASN D 229 -15.18 -22.93 -28.16
CA ASN D 229 -14.82 -24.21 -27.57
C ASN D 229 -13.30 -24.27 -27.42
N THR D 230 -12.70 -23.13 -27.11
CA THR D 230 -11.25 -23.01 -26.93
C THR D 230 -11.04 -22.68 -25.47
N TYR D 231 -10.41 -23.60 -24.73
CA TYR D 231 -10.22 -23.55 -23.27
C TYR D 231 -8.70 -23.57 -22.91
N GLU D 232 -8.00 -22.61 -23.55
CA GLU D 232 -6.55 -22.24 -23.43
C GLU D 232 -6.57 -20.73 -23.68
N PRO D 233 -6.14 -19.80 -22.79
CA PRO D 233 -5.28 -19.94 -21.58
C PRO D 233 -5.89 -20.67 -20.40
N VAL D 234 -5.01 -21.36 -19.67
CA VAL D 234 -5.40 -22.13 -18.52
C VAL D 234 -5.27 -21.28 -17.24
N ALA D 235 -6.42 -20.84 -16.69
CA ALA D 235 -6.46 -20.10 -15.41
C ALA D 235 -6.56 -21.10 -14.29
N PHE D 236 -7.45 -22.09 -14.45
CA PHE D 236 -7.69 -23.12 -13.49
C PHE D 236 -7.71 -24.48 -14.18
N ARG D 237 -6.73 -25.29 -13.88
CA ARG D 237 -6.60 -26.59 -14.48
C ARG D 237 -7.79 -27.48 -14.14
N PHE D 238 -8.24 -28.16 -15.20
CA PHE D 238 -9.37 -29.10 -15.24
C PHE D 238 -9.62 -29.90 -13.95
N PRO D 239 -8.64 -30.64 -13.37
CA PRO D 239 -8.94 -31.39 -12.13
C PRO D 239 -9.35 -30.55 -10.91
N LEU D 240 -8.99 -29.25 -10.90
CA LEU D 240 -9.34 -28.37 -9.80
C LEU D 240 -10.81 -28.05 -9.86
N GLY D 241 -11.39 -28.14 -11.05
CA GLY D 241 -12.81 -27.99 -11.27
C GLY D 241 -13.57 -29.11 -10.57
N LEU D 242 -13.04 -30.36 -10.66
CA LEU D 242 -13.63 -31.52 -10.00
C LEU D 242 -13.47 -31.38 -8.49
N LYS D 243 -12.30 -30.89 -8.04
CA LYS D 243 -12.06 -30.69 -6.62
C LYS D 243 -13.06 -29.70 -6.04
N ASP D 244 -13.31 -28.57 -6.72
CA ASP D 244 -14.25 -27.56 -6.20
C ASP D 244 -15.66 -28.08 -6.18
N ILE D 245 -16.15 -28.68 -7.27
CA ILE D 245 -17.54 -29.17 -7.27
C ILE D 245 -17.74 -30.29 -6.19
N ASN D 246 -16.69 -31.12 -5.96
CA ASN D 246 -16.78 -32.13 -4.93
C ASN D 246 -16.88 -31.49 -3.53
N LEU D 247 -16.25 -30.29 -3.29
CA LEU D 247 -16.40 -29.61 -1.98
C LEU D 247 -17.82 -29.07 -1.82
N THR D 248 -18.41 -28.60 -2.92
CA THR D 248 -19.78 -28.07 -2.91
C THR D 248 -20.73 -29.21 -2.58
N LEU D 249 -20.56 -30.33 -3.24
CA LEU D 249 -21.36 -31.53 -3.04
C LEU D 249 -21.22 -32.06 -1.63
N GLN D 250 -20.02 -32.04 -1.09
CA GLN D 250 -19.84 -32.46 0.29
C GLN D 250 -20.48 -31.47 1.26
N THR D 251 -20.26 -30.16 1.05
CA THR D 251 -20.79 -29.12 1.92
C THR D 251 -22.33 -29.17 1.91
N ALA D 252 -22.92 -29.34 0.74
CA ALA D 252 -24.36 -29.38 0.59
C ALA D 252 -24.89 -30.67 1.21
N SER D 253 -24.24 -31.81 0.97
CA SER D 253 -24.65 -33.05 1.60
C SER D 253 -24.65 -32.96 3.13
N ASP D 254 -23.68 -32.29 3.71
CA ASP D 254 -23.62 -32.18 5.17
C ASP D 254 -24.79 -31.38 5.78
N VAL D 255 -25.50 -30.58 4.98
CA VAL D 255 -26.68 -29.87 5.48
C VAL D 255 -27.96 -30.43 4.80
N ASN D 256 -27.87 -31.68 4.32
CA ASN D 256 -28.96 -32.44 3.69
C ASN D 256 -29.61 -31.65 2.59
N ALA D 257 -28.80 -31.17 1.70
CA ALA D 257 -29.23 -30.39 0.56
C ALA D 257 -28.76 -30.99 -0.74
N PRO D 258 -29.67 -31.64 -1.53
CA PRO D 258 -29.27 -32.08 -2.88
C PRO D 258 -28.90 -30.91 -3.81
N MSE D 259 -28.03 -31.15 -4.81
CA MSE D 259 -27.64 -30.15 -5.81
C MSE D 259 -27.64 -30.80 -7.19
O MSE D 259 -26.56 -31.13 -7.68
CB MSE D 259 -26.24 -29.56 -5.54
CG MSE D 259 -26.01 -29.06 -4.14
SE MSE D 259 -26.77 -27.41 -3.84
CE MSE D 259 -25.31 -26.42 -4.51
N PRO D 260 -28.81 -31.03 -7.81
CA PRO D 260 -28.86 -31.78 -9.10
C PRO D 260 -28.00 -31.23 -10.23
N PHE D 261 -27.94 -29.91 -10.37
CA PHE D 261 -27.03 -29.32 -11.35
C PHE D 261 -25.57 -29.65 -11.02
N ALA D 262 -25.18 -29.68 -9.74
CA ALA D 262 -23.76 -29.99 -9.38
C ALA D 262 -23.35 -31.42 -9.73
N ASP D 263 -24.31 -32.35 -9.63
CA ASP D 263 -24.05 -33.76 -10.01
C ASP D 263 -23.69 -33.81 -11.51
N ILE D 264 -24.41 -33.02 -12.32
CA ILE D 264 -24.13 -32.98 -13.78
C ILE D 264 -22.76 -32.38 -14.04
N ILE D 265 -22.43 -31.31 -13.35
CA ILE D 265 -21.06 -30.67 -13.44
C ILE D 265 -19.96 -31.69 -13.12
N ARG D 266 -20.11 -32.37 -12.00
CA ARG D 266 -19.16 -33.38 -11.55
C ARG D 266 -18.94 -34.42 -12.67
N ASN D 267 -20.00 -34.94 -13.26
CA ASN D 267 -19.85 -35.92 -14.35
C ASN D 267 -19.16 -35.35 -15.58
N ARG D 268 -19.30 -34.05 -15.87
CA ARG D 268 -18.58 -33.44 -16.96
C ARG D 268 -17.09 -33.51 -16.75
N PHE D 269 -16.64 -33.29 -15.51
CA PHE D 269 -15.22 -33.39 -15.15
C PHE D 269 -14.75 -34.82 -15.15
N ILE D 270 -15.57 -35.73 -14.68
CA ILE D 270 -15.14 -37.14 -14.61
C ILE D 270 -14.98 -37.67 -16.01
N SER D 271 -15.97 -37.42 -16.82
CA SER D 271 -15.94 -37.82 -18.22
C SER D 271 -14.79 -37.14 -18.97
N GLY D 272 -14.58 -35.87 -18.74
CA GLY D 272 -13.52 -35.13 -19.41
C GLY D 272 -12.16 -35.70 -19.10
N LEU D 273 -11.93 -36.08 -17.84
CA LEU D 273 -10.70 -36.79 -17.42
C LEU D 273 -10.57 -38.16 -18.15
N ALA D 274 -11.70 -38.88 -18.30
CA ALA D 274 -11.69 -40.14 -19.06
C ALA D 274 -11.24 -39.88 -20.48
N LYS D 275 -11.57 -38.70 -21.01
CA LYS D 275 -11.23 -38.29 -22.37
C LYS D 275 -9.92 -37.51 -22.54
N GLY D 276 -9.05 -37.53 -21.53
CA GLY D 276 -7.72 -36.91 -21.65
C GLY D 276 -7.67 -35.40 -21.56
N ARG D 277 -8.65 -34.75 -20.89
CA ARG D 277 -8.69 -33.30 -20.84
C ARG D 277 -8.07 -32.66 -19.61
N GLU D 278 -7.26 -33.40 -18.88
CA GLU D 278 -6.67 -32.91 -17.64
C GLU D 278 -5.88 -31.63 -17.77
N ASN D 279 -5.26 -31.35 -18.92
CA ASN D 279 -4.44 -30.14 -19.09
C ASN D 279 -5.22 -28.94 -19.56
N LEU D 280 -6.54 -29.07 -19.86
CA LEU D 280 -7.32 -27.93 -20.34
C LEU D 280 -7.81 -27.07 -19.18
N ASP D 281 -8.34 -25.87 -19.49
CA ASP D 281 -8.92 -24.98 -18.48
C ASP D 281 -10.17 -25.64 -17.96
N TRP D 282 -10.58 -25.36 -16.71
CA TRP D 282 -11.84 -25.95 -16.18
C TRP D 282 -13.08 -25.61 -17.04
N GLY D 283 -13.01 -24.55 -17.86
CA GLY D 283 -14.10 -24.15 -18.77
C GLY D 283 -14.54 -25.23 -19.75
N ALA D 284 -13.61 -26.16 -20.06
CA ALA D 284 -13.77 -27.30 -20.94
C ALA D 284 -14.79 -28.28 -20.45
N LEU D 285 -15.35 -28.11 -19.21
CA LEU D 285 -16.45 -28.92 -18.79
C LEU D 285 -17.58 -28.79 -19.82
N ALA D 286 -17.66 -27.60 -20.48
CA ALA D 286 -18.70 -27.32 -21.46
C ALA D 286 -18.55 -28.13 -22.76
N LEU D 287 -17.44 -28.86 -22.98
CA LEU D 287 -17.32 -29.80 -24.12
C LEU D 287 -18.23 -31.03 -23.98
N GLY D 288 -18.64 -31.39 -22.75
CA GLY D 288 -19.54 -32.52 -22.52
C GLY D 288 -20.81 -32.44 -23.34
N ALA D 289 -21.41 -31.24 -23.42
CA ALA D 289 -22.65 -31.06 -24.22
C ALA D 289 -22.38 -31.37 -25.67
N SER D 290 -21.25 -30.92 -26.19
CA SER D 290 -20.87 -31.19 -27.57
C SER D 290 -20.57 -32.70 -27.73
N ASP D 291 -19.86 -33.33 -26.76
CA ASP D 291 -19.60 -34.79 -26.79
C ASP D 291 -20.92 -35.54 -26.92
N ASP D 292 -21.89 -35.27 -25.99
CA ASP D 292 -23.19 -35.95 -26.01
C ASP D 292 -23.96 -35.78 -27.33
N ALA D 293 -23.85 -34.61 -27.99
CA ALA D 293 -24.52 -34.33 -29.26
C ALA D 293 -23.67 -34.75 -30.47
N GLY D 294 -22.62 -35.55 -30.23
CA GLY D 294 -21.82 -36.17 -31.28
C GLY D 294 -20.92 -35.26 -32.06
N LEU D 295 -20.54 -34.12 -31.49
CA LEU D 295 -19.73 -33.14 -32.24
C LEU D 295 -18.25 -33.21 -31.93
N THR D 296 -17.84 -33.81 -30.84
CA THR D 296 -16.43 -33.84 -30.43
C THR D 296 -16.04 -35.20 -29.91
NA NA E . 2.38 2.83 -9.94
NA NA F . 37.49 12.42 -2.22
NA NA G . 9.26 -2.62 -1.39
NA NA H . -9.62 -1.79 -4.63
#